data_6QYR
# 
_entry.id   6QYR 
# 
_audit_conform.dict_name       mmcif_pdbx.dic 
_audit_conform.dict_version    5.398 
_audit_conform.dict_location   http://mmcif.pdb.org/dictionaries/ascii/mmcif_pdbx.dic 
# 
loop_
_database_2.database_id 
_database_2.database_code 
_database_2.pdbx_database_accession 
_database_2.pdbx_DOI 
PDB   6QYR         pdb_00006qyr 10.2210/pdb6qyr/pdb 
WWPDB D_1292101147 ?            ?                   
BMRB  34369        ?            10.13018/BMR34369   
# 
loop_
_pdbx_audit_revision_history.ordinal 
_pdbx_audit_revision_history.data_content_type 
_pdbx_audit_revision_history.major_revision 
_pdbx_audit_revision_history.minor_revision 
_pdbx_audit_revision_history.revision_date 
1 'Structure model' 1 0 2019-09-11 
2 'Structure model' 1 1 2019-10-02 
3 'Structure model' 1 2 2023-06-14 
4 'Structure model' 1 3 2024-11-13 
# 
_pdbx_audit_revision_details.ordinal             1 
_pdbx_audit_revision_details.revision_ordinal    1 
_pdbx_audit_revision_details.data_content_type   'Structure model' 
_pdbx_audit_revision_details.provider            repository 
_pdbx_audit_revision_details.type                'Initial release' 
_pdbx_audit_revision_details.description         ? 
_pdbx_audit_revision_details.details             ? 
# 
loop_
_pdbx_audit_revision_group.ordinal 
_pdbx_audit_revision_group.revision_ordinal 
_pdbx_audit_revision_group.data_content_type 
_pdbx_audit_revision_group.group 
1 2 'Structure model' 'Data collection'      
2 2 'Structure model' 'Database references'  
3 3 'Structure model' 'Database references'  
4 3 'Structure model' 'Derived calculations' 
5 3 'Structure model' Other                  
6 4 'Structure model' 'Data collection'      
7 4 'Structure model' 'Database references'  
8 4 'Structure model' 'Structure summary'    
# 
loop_
_pdbx_audit_revision_category.ordinal 
_pdbx_audit_revision_category.revision_ordinal 
_pdbx_audit_revision_category.data_content_type 
_pdbx_audit_revision_category.category 
1  2 'Structure model' citation                  
2  2 'Structure model' citation_author           
3  3 'Structure model' database_2                
4  3 'Structure model' pdbx_database_status      
5  3 'Structure model' struct_conn               
6  4 'Structure model' chem_comp_atom            
7  4 'Structure model' chem_comp_bond            
8  4 'Structure model' database_2                
9  4 'Structure model' pdbx_entry_details        
10 4 'Structure model' pdbx_modification_feature 
# 
loop_
_pdbx_audit_revision_item.ordinal 
_pdbx_audit_revision_item.revision_ordinal 
_pdbx_audit_revision_item.data_content_type 
_pdbx_audit_revision_item.item 
1  2 'Structure model' '_citation.journal_volume'                   
2  2 'Structure model' '_citation.page_first'                       
3  2 'Structure model' '_citation.page_last'                        
4  2 'Structure model' '_citation_author.identifier_ORCID'          
5  3 'Structure model' '_database_2.pdbx_DOI'                       
6  3 'Structure model' '_database_2.pdbx_database_accession'        
7  3 'Structure model' '_pdbx_database_status.status_code_nmr_data' 
8  3 'Structure model' '_struct_conn.pdbx_dist_value'               
9  3 'Structure model' '_struct_conn.pdbx_leaving_atom_flag'        
10 3 'Structure model' '_struct_conn.ptnr1_label_atom_id'           
11 3 'Structure model' '_struct_conn.ptnr2_auth_comp_id'            
12 3 'Structure model' '_struct_conn.ptnr2_auth_seq_id'             
13 3 'Structure model' '_struct_conn.ptnr2_label_atom_id'           
14 3 'Structure model' '_struct_conn.ptnr2_label_comp_id'           
15 3 'Structure model' '_struct_conn.ptnr2_label_seq_id'            
16 4 'Structure model' '_database_2.pdbx_DOI'                       
# 
_pdbx_database_status.status_code                     REL 
_pdbx_database_status.status_code_sf                  ? 
_pdbx_database_status.status_code_mr                  REL 
_pdbx_database_status.entry_id                        6QYR 
_pdbx_database_status.recvd_initial_deposition_date   2019-03-09 
_pdbx_database_status.SG_entry                        N 
_pdbx_database_status.deposit_site                    PDBE 
_pdbx_database_status.process_site                    PDBE 
_pdbx_database_status.status_code_cs                  REL 
_pdbx_database_status.methods_development_category    ? 
_pdbx_database_status.pdb_format_compatible           Y 
_pdbx_database_status.status_code_nmr_data            REL 
# 
loop_
_pdbx_database_related.db_name 
_pdbx_database_related.details 
_pdbx_database_related.db_id 
_pdbx_database_related.content_type 
PDB  .                                                                                                                1WCO  
unspecified 
PDB  'solution nmr of synthetic Nisin Ring B (Lan8,11) analogue'                                                      6QM1  
unspecified 
PDB  'solution nmr of synthetic mutacin I ring B,major conformer'                                                     6QTF  
unspecified 
BMRB 'Solution NMR of synthetic analogues of nisin and mutacin ring A and ring B - Mutacin I Ring B, minor conformer' 34369 
unspecified 
# 
loop_
_audit_author.name 
_audit_author.pdbx_ordinal 
_audit_author.identifier_ORCID 
'Dickman, R.'    1 0000-0003-3139-5423 
'Mitchell, S.A.' 2 ?                   
'Figueiredo, A.' 3 0000-0001-7039-5341 
'Hansen, D.F.'   4 0000-0003-0891-220X 
'Tabor, A.B.'    5 0000-0001-8216-0347 
# 
loop_
_citation.abstract 
_citation.abstract_id_CAS 
_citation.book_id_ISBN 
_citation.book_publisher 
_citation.book_publisher_city 
_citation.book_title 
_citation.coordinate_linkage 
_citation.country 
_citation.database_id_Medline 
_citation.details 
_citation.id 
_citation.journal_abbrev 
_citation.journal_id_ASTM 
_citation.journal_id_CSD 
_citation.journal_id_ISSN 
_citation.journal_full 
_citation.journal_issue 
_citation.journal_volume 
_citation.language 
_citation.page_first 
_citation.page_last 
_citation.title 
_citation.year 
_citation.database_id_CSD 
_citation.pdbx_database_id_DOI 
_citation.pdbx_database_id_PubMed 
_citation.unpublished_flag 
? ? ? ? ? ? ? US ? ? primary J.Org.Chem.       JOCEAH 0035 0022-3263 ? ? 84 ? 11493 11512 
;Molecular Recognition of Lipid II by Lantibiotics: Synthesis and Conformational Studies of Analogues of Nisin and Mutacin Rings A and B.
;
2019 ? 10.1021/acs.joc.9b01253 31464129 ? 
? ? ? ? ? ? ? ?  ? ? 1       'To Be Published' ?      0353 ?         ? ? ?  ? ?     ?     
;A chemical biology approach to understanding molecular recognition of lipid II by nisin: Solid-phase synthesis and NMR ensemble analysis of nisin(1-12) and a synthetic analogue.
;
?    ? ?                       ?        ? 
# 
loop_
_citation_author.citation_id 
_citation_author.name 
_citation_author.ordinal 
_citation_author.identifier_ORCID 
primary 'Dickman, R.'      1  ?                   
primary 'Mitchell, S.A.'   2  ?                   
primary 'Figueiredo, A.M.' 3  ?                   
primary 'Hansen, D.F.'     4  ?                   
primary 'Tabor, A.B.'      5  ?                   
1       'Dickman, R.'      6  0000-0003-3139-5423 
1       'Danelius, E.'     7  0000-0002-7322-9661 
1       'Mitchell, S.A.'   8  ?                   
1       'Hansen, D.F.'     9  0000-0003-0891-220X 
1       'Erdelyi, M.'      10 0000-0003-0359-5970 
1       'Tabor, A.B.'      11 0000-0001-8216-0347 
# 
_entity.id                         1 
_entity.type                       polymer 
_entity.src_method                 syn 
_entity.pdbx_description           DAL-LEU-GLY-CYS-THR 
_entity.formula_weight             463.549 
_entity.pdbx_number_of_molecules   1 
_entity.pdbx_ec                    ? 
_entity.pdbx_mutation              ? 
_entity.pdbx_fragment              ? 
_entity.details                    ? 
# 
_entity_poly.entity_id                      1 
_entity_poly.type                           'polypeptide(L)' 
_entity_poly.nstd_linkage                   no 
_entity_poly.nstd_monomer                   yes 
_entity_poly.pdbx_seq_one_letter_code       '(DAL)LGCT' 
_entity_poly.pdbx_seq_one_letter_code_can   ALGCT 
_entity_poly.pdbx_strand_id                 A 
_entity_poly.pdbx_target_identifier         ? 
# 
loop_
_entity_poly_seq.entity_id 
_entity_poly_seq.num 
_entity_poly_seq.mon_id 
_entity_poly_seq.hetero 
1 1 DAL n 
1 2 LEU n 
1 3 GLY n 
1 4 CYS n 
1 5 THR n 
# 
_pdbx_entity_src_syn.entity_id              1 
_pdbx_entity_src_syn.pdbx_src_id            1 
_pdbx_entity_src_syn.pdbx_alt_source_flag   sample 
_pdbx_entity_src_syn.pdbx_beg_seq_num       1 
_pdbx_entity_src_syn.pdbx_end_seq_num       5 
_pdbx_entity_src_syn.organism_scientific    'Lactococcus lactis' 
_pdbx_entity_src_syn.organism_common_name   ? 
_pdbx_entity_src_syn.ncbi_taxonomy_id       1358 
_pdbx_entity_src_syn.details                ? 
# 
loop_
_chem_comp.id 
_chem_comp.type 
_chem_comp.mon_nstd_flag 
_chem_comp.name 
_chem_comp.pdbx_synonyms 
_chem_comp.formula 
_chem_comp.formula_weight 
CYS 'L-peptide linking' y CYSTEINE  ? 'C3 H7 N O2 S' 121.158 
DAL 'D-peptide linking' . D-ALANINE ? 'C3 H7 N O2'   89.093  
GLY 'peptide linking'   y GLYCINE   ? 'C2 H5 N O2'   75.067  
LEU 'L-peptide linking' y LEUCINE   ? 'C6 H13 N O2'  131.173 
THR 'L-peptide linking' y THREONINE ? 'C4 H9 N O3'   119.119 
# 
loop_
_pdbx_poly_seq_scheme.asym_id 
_pdbx_poly_seq_scheme.entity_id 
_pdbx_poly_seq_scheme.seq_id 
_pdbx_poly_seq_scheme.mon_id 
_pdbx_poly_seq_scheme.ndb_seq_num 
_pdbx_poly_seq_scheme.pdb_seq_num 
_pdbx_poly_seq_scheme.auth_seq_num 
_pdbx_poly_seq_scheme.pdb_mon_id 
_pdbx_poly_seq_scheme.auth_mon_id 
_pdbx_poly_seq_scheme.pdb_strand_id 
_pdbx_poly_seq_scheme.pdb_ins_code 
_pdbx_poly_seq_scheme.hetero 
A 1 1 DAL 1 1 1 DAL DAL A . n 
A 1 2 LEU 2 2 2 LEU LEU A . n 
A 1 3 GLY 3 3 3 GLY GLY A . n 
A 1 4 CYS 4 4 4 CYS CYS A . n 
A 1 5 THR 5 5 5 THR THR A . n 
# 
_exptl.absorpt_coefficient_mu     ? 
_exptl.absorpt_correction_T_max   ? 
_exptl.absorpt_correction_T_min   ? 
_exptl.absorpt_correction_type    ? 
_exptl.absorpt_process_details    ? 
_exptl.entry_id                   6QYR 
_exptl.crystals_number            ? 
_exptl.details                    ? 
_exptl.method                     'SOLUTION NMR' 
_exptl.method_details             ? 
# 
_struct.entry_id                     6QYR 
_struct.title                        
'Solution NMR of synthetic analogues of nisin and mutacin ring A and ring B - Mutacin I Ring B, minor conformer' 
_struct.pdbx_model_details           ? 
_struct.pdbx_formula_weight          ? 
_struct.pdbx_formula_weight_method   ? 
_struct.pdbx_model_type_details      ? 
_struct.pdbx_CASP_flag               N 
# 
_struct_keywords.entry_id        6QYR 
_struct_keywords.text            'PEPTIDE ANTIBIOTIC, LANTIBIOTIC, ANTIMICROBIAL, BACTERIOCIN, THIOESTER, ANTIBIOTIC' 
_struct_keywords.pdbx_keywords   ANTIBIOTIC 
# 
_struct_asym.id                            A 
_struct_asym.pdbx_blank_PDB_chainid_flag   N 
_struct_asym.pdbx_modified                 N 
_struct_asym.entity_id                     1 
_struct_asym.details                       ? 
# 
_struct_ref.id                         1 
_struct_ref.db_name                    PDB 
_struct_ref.db_code                    6QYR 
_struct_ref.pdbx_db_accession          6QYR 
_struct_ref.pdbx_db_isoform            ? 
_struct_ref.entity_id                  1 
_struct_ref.pdbx_seq_one_letter_code   ? 
_struct_ref.pdbx_align_begin           1 
# 
_struct_ref_seq.align_id                      1 
_struct_ref_seq.ref_id                        1 
_struct_ref_seq.pdbx_PDB_id_code              6QYR 
_struct_ref_seq.pdbx_strand_id                A 
_struct_ref_seq.seq_align_beg                 1 
_struct_ref_seq.pdbx_seq_align_beg_ins_code   ? 
_struct_ref_seq.seq_align_end                 5 
_struct_ref_seq.pdbx_seq_align_end_ins_code   ? 
_struct_ref_seq.pdbx_db_accession             6QYR 
_struct_ref_seq.db_align_beg                  1 
_struct_ref_seq.pdbx_db_align_beg_ins_code    ? 
_struct_ref_seq.db_align_end                  5 
_struct_ref_seq.pdbx_db_align_end_ins_code    ? 
_struct_ref_seq.pdbx_auth_seq_align_beg       1 
_struct_ref_seq.pdbx_auth_seq_align_end       5 
# 
_pdbx_struct_assembly.id                   1 
_pdbx_struct_assembly.details              author_and_software_defined_assembly 
_pdbx_struct_assembly.method_details       PISA 
_pdbx_struct_assembly.oligomeric_details   monomeric 
_pdbx_struct_assembly.oligomeric_count     1 
# 
loop_
_pdbx_struct_assembly_prop.biol_id 
_pdbx_struct_assembly_prop.type 
_pdbx_struct_assembly_prop.value 
_pdbx_struct_assembly_prop.details 
1 'ABSA (A^2)' 0   ? 
1 MORE         0   ? 
1 'SSA (A^2)'  630 ? 
# 
_pdbx_struct_assembly_gen.assembly_id       1 
_pdbx_struct_assembly_gen.oper_expression   1 
_pdbx_struct_assembly_gen.asym_id_list      A 
# 
_pdbx_struct_assembly_auth_evidence.id                     1 
_pdbx_struct_assembly_auth_evidence.assembly_id            1 
_pdbx_struct_assembly_auth_evidence.experimental_support   none 
_pdbx_struct_assembly_auth_evidence.details                ? 
# 
_pdbx_struct_oper_list.id                   1 
_pdbx_struct_oper_list.type                 'identity operation' 
_pdbx_struct_oper_list.name                 1_555 
_pdbx_struct_oper_list.symmetry_operation   ? 
_pdbx_struct_oper_list.matrix[1][1]         1.0000000000 
_pdbx_struct_oper_list.matrix[1][2]         0.0000000000 
_pdbx_struct_oper_list.matrix[1][3]         0.0000000000 
_pdbx_struct_oper_list.vector[1]            0.0000000000 
_pdbx_struct_oper_list.matrix[2][1]         0.0000000000 
_pdbx_struct_oper_list.matrix[2][2]         1.0000000000 
_pdbx_struct_oper_list.matrix[2][3]         0.0000000000 
_pdbx_struct_oper_list.vector[2]            0.0000000000 
_pdbx_struct_oper_list.matrix[3][1]         0.0000000000 
_pdbx_struct_oper_list.matrix[3][2]         0.0000000000 
_pdbx_struct_oper_list.matrix[3][3]         1.0000000000 
_pdbx_struct_oper_list.vector[3]            0.0000000000 
# 
loop_
_struct_conn.id 
_struct_conn.conn_type_id 
_struct_conn.pdbx_leaving_atom_flag 
_struct_conn.pdbx_PDB_id 
_struct_conn.ptnr1_label_asym_id 
_struct_conn.ptnr1_label_comp_id 
_struct_conn.ptnr1_label_seq_id 
_struct_conn.ptnr1_label_atom_id 
_struct_conn.pdbx_ptnr1_label_alt_id 
_struct_conn.pdbx_ptnr1_PDB_ins_code 
_struct_conn.pdbx_ptnr1_standard_comp_id 
_struct_conn.ptnr1_symmetry 
_struct_conn.ptnr2_label_asym_id 
_struct_conn.ptnr2_label_comp_id 
_struct_conn.ptnr2_label_seq_id 
_struct_conn.ptnr2_label_atom_id 
_struct_conn.pdbx_ptnr2_label_alt_id 
_struct_conn.pdbx_ptnr2_PDB_ins_code 
_struct_conn.ptnr1_auth_asym_id 
_struct_conn.ptnr1_auth_comp_id 
_struct_conn.ptnr1_auth_seq_id 
_struct_conn.ptnr2_auth_asym_id 
_struct_conn.ptnr2_auth_comp_id 
_struct_conn.ptnr2_auth_seq_id 
_struct_conn.ptnr2_symmetry 
_struct_conn.pdbx_ptnr3_label_atom_id 
_struct_conn.pdbx_ptnr3_label_seq_id 
_struct_conn.pdbx_ptnr3_label_comp_id 
_struct_conn.pdbx_ptnr3_label_asym_id 
_struct_conn.pdbx_ptnr3_label_alt_id 
_struct_conn.pdbx_ptnr3_PDB_ins_code 
_struct_conn.details 
_struct_conn.pdbx_dist_value 
_struct_conn.pdbx_value_order 
_struct_conn.pdbx_role 
covale1 covale both ? A DAL 1 C  ? ? ? 1_555 A LEU 2 N  ? ? A DAL 1 A LEU 2 1_555 ? ? ? ? ? ? ? 1.328 ? ? 
covale2 covale none ? A DAL 1 CB ? ? ? 1_555 A CYS 4 SG ? ? A DAL 1 A CYS 4 1_555 ? ? ? ? ? ? ? 1.810 ? ? 
# 
_struct_conn_type.id          covale 
_struct_conn_type.criteria    ? 
_struct_conn_type.reference   ? 
# 
_pdbx_modification_feature.ordinal                            1 
_pdbx_modification_feature.label_comp_id                      DAL 
_pdbx_modification_feature.label_asym_id                      A 
_pdbx_modification_feature.label_seq_id                       1 
_pdbx_modification_feature.label_alt_id                       ? 
_pdbx_modification_feature.modified_residue_label_comp_id     CYS 
_pdbx_modification_feature.modified_residue_label_asym_id     A 
_pdbx_modification_feature.modified_residue_label_seq_id      4 
_pdbx_modification_feature.modified_residue_label_alt_id      ? 
_pdbx_modification_feature.auth_comp_id                       DAL 
_pdbx_modification_feature.auth_asym_id                       A 
_pdbx_modification_feature.auth_seq_id                        1 
_pdbx_modification_feature.PDB_ins_code                       ? 
_pdbx_modification_feature.symmetry                           1_555 
_pdbx_modification_feature.modified_residue_auth_comp_id      CYS 
_pdbx_modification_feature.modified_residue_auth_asym_id      A 
_pdbx_modification_feature.modified_residue_auth_seq_id       4 
_pdbx_modification_feature.modified_residue_PDB_ins_code      ? 
_pdbx_modification_feature.modified_residue_symmetry          1_555 
_pdbx_modification_feature.comp_id_linking_atom               CB 
_pdbx_modification_feature.modified_residue_id_linking_atom   SG 
_pdbx_modification_feature.modified_residue_id                . 
_pdbx_modification_feature.ref_pcm_id                         . 
_pdbx_modification_feature.ref_comp_id                        . 
_pdbx_modification_feature.type                               None 
_pdbx_modification_feature.category                           'Non-standard linkage' 
# 
_pdbx_entry_details.entry_id                   6QYR 
_pdbx_entry_details.compound_details           ? 
_pdbx_entry_details.source_details             ? 
_pdbx_entry_details.nonpolymer_details         ? 
_pdbx_entry_details.sequence_details           ? 
_pdbx_entry_details.has_ligand_of_interest     ? 
_pdbx_entry_details.has_protein_modification   Y 
# 
_pdbx_validate_close_contact.id               1 
_pdbx_validate_close_contact.PDB_model_num    15 
_pdbx_validate_close_contact.auth_atom_id_1   H 
_pdbx_validate_close_contact.auth_asym_id_1   A 
_pdbx_validate_close_contact.auth_comp_id_1   DAL 
_pdbx_validate_close_contact.auth_seq_id_1    1 
_pdbx_validate_close_contact.PDB_ins_code_1   ? 
_pdbx_validate_close_contact.label_alt_id_1   ? 
_pdbx_validate_close_contact.auth_atom_id_2   H 
_pdbx_validate_close_contact.auth_asym_id_2   A 
_pdbx_validate_close_contact.auth_comp_id_2   LEU 
_pdbx_validate_close_contact.auth_seq_id_2    2 
_pdbx_validate_close_contact.PDB_ins_code_2   ? 
_pdbx_validate_close_contact.label_alt_id_2   ? 
_pdbx_validate_close_contact.dist             1.32 
# 
loop_
_pdbx_validate_torsion.id 
_pdbx_validate_torsion.PDB_model_num 
_pdbx_validate_torsion.auth_comp_id 
_pdbx_validate_torsion.auth_asym_id 
_pdbx_validate_torsion.auth_seq_id 
_pdbx_validate_torsion.PDB_ins_code 
_pdbx_validate_torsion.label_alt_id 
_pdbx_validate_torsion.phi 
_pdbx_validate_torsion.psi 
1  1  LEU A 2 ? ? -40.16  -83.20 
2  2  CYS A 4 ? ? -106.35 68.99  
3  3  LEU A 2 ? ? -54.78  -72.95 
4  4  LEU A 2 ? ? -44.52  -85.24 
5  5  LEU A 2 ? ? -42.55  -72.73 
6  12 LEU A 2 ? ? -36.89  -21.46 
7  13 LEU A 2 ? ? -46.21  -78.16 
8  14 LEU A 2 ? ? -57.48  -74.71 
9  15 LEU A 2 ? ? -50.66  -77.96 
10 15 CYS A 4 ? ? -85.14  38.35  
# 
_pdbx_nmr_ensemble.entry_id                                      6QYR 
_pdbx_nmr_ensemble.conformers_calculated_total_number            100 
_pdbx_nmr_ensemble.conformers_submitted_total_number             15 
_pdbx_nmr_ensemble.conformer_selection_criteria                  'structures with the lowest energy' 
_pdbx_nmr_ensemble.representative_conformer                      ? 
_pdbx_nmr_ensemble.average_constraints_per_residue               ? 
_pdbx_nmr_ensemble.average_constraint_violations_per_residue     ? 
_pdbx_nmr_ensemble.maximum_distance_constraint_violation         ? 
_pdbx_nmr_ensemble.average_distance_constraint_violation         ? 
_pdbx_nmr_ensemble.maximum_upper_distance_constraint_violation   ? 
_pdbx_nmr_ensemble.maximum_lower_distance_constraint_violation   ? 
_pdbx_nmr_ensemble.distance_constraint_violation_method          ? 
_pdbx_nmr_ensemble.maximum_torsion_angle_constraint_violation    ? 
_pdbx_nmr_ensemble.average_torsion_angle_constraint_violation    ? 
_pdbx_nmr_ensemble.torsion_angle_constraint_violation_method     ? 
# 
_pdbx_nmr_representative.entry_id             6QYR 
_pdbx_nmr_representative.conformer_id         1 
_pdbx_nmr_representative.selection_criteria   'closest to the average' 
# 
_pdbx_nmr_sample_details.solution_id      1 
_pdbx_nmr_sample_details.contents         '13.0 mg/mL Mutacin I ring B, DMSO' 
_pdbx_nmr_sample_details.solvent_system   DMSO 
_pdbx_nmr_sample_details.label            sample_1 
_pdbx_nmr_sample_details.type             'lyophilized powder' 
_pdbx_nmr_sample_details.details          'HPLC purified peptide (TFA salt) was dissolved directly in DMSO' 
# 
_pdbx_nmr_exptl_sample.solution_id           1 
_pdbx_nmr_exptl_sample.component             'Mutacin I ring B' 
_pdbx_nmr_exptl_sample.concentration         13.0 
_pdbx_nmr_exptl_sample.concentration_range   ? 
_pdbx_nmr_exptl_sample.concentration_units   mg/mL 
_pdbx_nmr_exptl_sample.isotopic_labeling     'natural abundance' 
# 
_pdbx_nmr_exptl_sample_conditions.conditions_id          1 
_pdbx_nmr_exptl_sample_conditions.temperature            298 
_pdbx_nmr_exptl_sample_conditions.pressure_units         atm 
_pdbx_nmr_exptl_sample_conditions.pressure               1 
_pdbx_nmr_exptl_sample_conditions.pH                     5.0 
_pdbx_nmr_exptl_sample_conditions.ionic_strength         'TFA salt' 
_pdbx_nmr_exptl_sample_conditions.details                ? 
_pdbx_nmr_exptl_sample_conditions.ionic_strength_err     ? 
_pdbx_nmr_exptl_sample_conditions.ionic_strength_units   'Not defined' 
_pdbx_nmr_exptl_sample_conditions.label                  DMSO_rt 
_pdbx_nmr_exptl_sample_conditions.pH_err                 ? 
_pdbx_nmr_exptl_sample_conditions.pH_units               pH 
_pdbx_nmr_exptl_sample_conditions.pressure_err           ? 
_pdbx_nmr_exptl_sample_conditions.temperature_err        ? 
_pdbx_nmr_exptl_sample_conditions.temperature_units      K 
# 
loop_
_pdbx_nmr_exptl.experiment_id 
_pdbx_nmr_exptl.conditions_id 
_pdbx_nmr_exptl.solution_id 
_pdbx_nmr_exptl.type 
_pdbx_nmr_exptl.spectrometer_id 
_pdbx_nmr_exptl.sample_state 
1 1 1 '2D 1H-1H COSY'  1 isotropic 
2 1 1 '2D 1H-1H NOESY' 1 isotropic 
3 1 1 '2D 1H-13C HSQC' 1 isotropic 
4 1 1 '2D 1H-13C HMBC' 1 isotropic 
# 
_pdbx_nmr_refine.entry_id           6QYR 
_pdbx_nmr_refine.method             'simulated annealing' 
_pdbx_nmr_refine.details            ? 
_pdbx_nmr_refine.software_ordinal   2 
# 
loop_
_pdbx_nmr_software.ordinal 
_pdbx_nmr_software.classification 
_pdbx_nmr_software.name 
_pdbx_nmr_software.version 
_pdbx_nmr_software.authors 
1 'structure calculation'     Xplor-NIH         2.45 'Schwieters, Kuszewski, Tjandra and Clore' 
2 refinement                  Xplor-NIH         ?    'Schwieters, Kuszewski, Tjandra and Clore' 
3 'chemical shift assignment' 'CcpNmr Analysis' ?    CCPN                                       
4 'peak picking'              'CcpNmr Analysis' ?    CCPN                                       
# 
loop_
_chem_comp_atom.comp_id 
_chem_comp_atom.atom_id 
_chem_comp_atom.type_symbol 
_chem_comp_atom.pdbx_aromatic_flag 
_chem_comp_atom.pdbx_stereo_config 
_chem_comp_atom.pdbx_ordinal 
CYS N    N N N 1  
CYS CA   C N R 2  
CYS C    C N N 3  
CYS O    O N N 4  
CYS CB   C N N 5  
CYS SG   S N N 6  
CYS OXT  O N N 7  
CYS H    H N N 8  
CYS H2   H N N 9  
CYS HA   H N N 10 
CYS HB2  H N N 11 
CYS HB3  H N N 12 
CYS HG   H N N 13 
CYS HXT  H N N 14 
DAL N    N N N 15 
DAL CA   C N R 16 
DAL CB   C N N 17 
DAL C    C N N 18 
DAL O    O N N 19 
DAL OXT  O N N 20 
DAL H    H N N 21 
DAL H2   H N N 22 
DAL HA   H N N 23 
DAL HB1  H N N 24 
DAL HB2  H N N 25 
DAL HB3  H N N 26 
DAL HXT  H N N 27 
GLY N    N N N 28 
GLY CA   C N N 29 
GLY C    C N N 30 
GLY O    O N N 31 
GLY OXT  O N N 32 
GLY H    H N N 33 
GLY H2   H N N 34 
GLY HA2  H N N 35 
GLY HA3  H N N 36 
GLY HXT  H N N 37 
LEU N    N N N 38 
LEU CA   C N S 39 
LEU C    C N N 40 
LEU O    O N N 41 
LEU CB   C N N 42 
LEU CG   C N N 43 
LEU CD1  C N N 44 
LEU CD2  C N N 45 
LEU OXT  O N N 46 
LEU H    H N N 47 
LEU H2   H N N 48 
LEU HA   H N N 49 
LEU HB2  H N N 50 
LEU HB3  H N N 51 
LEU HG   H N N 52 
LEU HD11 H N N 53 
LEU HD12 H N N 54 
LEU HD13 H N N 55 
LEU HD21 H N N 56 
LEU HD22 H N N 57 
LEU HD23 H N N 58 
LEU HXT  H N N 59 
THR N    N N N 60 
THR CA   C N S 61 
THR C    C N N 62 
THR O    O N N 63 
THR CB   C N R 64 
THR OG1  O N N 65 
THR CG2  C N N 66 
THR OXT  O N N 67 
THR H    H N N 68 
THR H2   H N N 69 
THR HA   H N N 70 
THR HB   H N N 71 
THR HG1  H N N 72 
THR HG21 H N N 73 
THR HG22 H N N 74 
THR HG23 H N N 75 
THR HXT  H N N 76 
# 
loop_
_chem_comp_bond.comp_id 
_chem_comp_bond.atom_id_1 
_chem_comp_bond.atom_id_2 
_chem_comp_bond.value_order 
_chem_comp_bond.pdbx_aromatic_flag 
_chem_comp_bond.pdbx_stereo_config 
_chem_comp_bond.pdbx_ordinal 
CYS N   CA   sing N N 1  
CYS N   H    sing N N 2  
CYS N   H2   sing N N 3  
CYS CA  C    sing N N 4  
CYS CA  CB   sing N N 5  
CYS CA  HA   sing N N 6  
CYS C   O    doub N N 7  
CYS C   OXT  sing N N 8  
CYS CB  SG   sing N N 9  
CYS CB  HB2  sing N N 10 
CYS CB  HB3  sing N N 11 
CYS SG  HG   sing N N 12 
CYS OXT HXT  sing N N 13 
DAL N   CA   sing N N 14 
DAL N   H    sing N N 15 
DAL N   H2   sing N N 16 
DAL CA  CB   sing N N 17 
DAL CA  C    sing N N 18 
DAL CA  HA   sing N N 19 
DAL CB  HB1  sing N N 20 
DAL CB  HB2  sing N N 21 
DAL CB  HB3  sing N N 22 
DAL C   O    doub N N 23 
DAL C   OXT  sing N N 24 
DAL OXT HXT  sing N N 25 
GLY N   CA   sing N N 26 
GLY N   H    sing N N 27 
GLY N   H2   sing N N 28 
GLY CA  C    sing N N 29 
GLY CA  HA2  sing N N 30 
GLY CA  HA3  sing N N 31 
GLY C   O    doub N N 32 
GLY C   OXT  sing N N 33 
GLY OXT HXT  sing N N 34 
LEU N   CA   sing N N 35 
LEU N   H    sing N N 36 
LEU N   H2   sing N N 37 
LEU CA  C    sing N N 38 
LEU CA  CB   sing N N 39 
LEU CA  HA   sing N N 40 
LEU C   O    doub N N 41 
LEU C   OXT  sing N N 42 
LEU CB  CG   sing N N 43 
LEU CB  HB2  sing N N 44 
LEU CB  HB3  sing N N 45 
LEU CG  CD1  sing N N 46 
LEU CG  CD2  sing N N 47 
LEU CG  HG   sing N N 48 
LEU CD1 HD11 sing N N 49 
LEU CD1 HD12 sing N N 50 
LEU CD1 HD13 sing N N 51 
LEU CD2 HD21 sing N N 52 
LEU CD2 HD22 sing N N 53 
LEU CD2 HD23 sing N N 54 
LEU OXT HXT  sing N N 55 
THR N   CA   sing N N 56 
THR N   H    sing N N 57 
THR N   H2   sing N N 58 
THR CA  C    sing N N 59 
THR CA  CB   sing N N 60 
THR CA  HA   sing N N 61 
THR C   O    doub N N 62 
THR C   OXT  sing N N 63 
THR CB  OG1  sing N N 64 
THR CB  CG2  sing N N 65 
THR CB  HB   sing N N 66 
THR OG1 HG1  sing N N 67 
THR CG2 HG21 sing N N 68 
THR CG2 HG22 sing N N 69 
THR CG2 HG23 sing N N 70 
THR OXT HXT  sing N N 71 
# 
_pdbx_audit_support.funding_organization   'Engineering and Physical Sciences Research Council' 
_pdbx_audit_support.country                'United Kingdom' 
_pdbx_audit_support.grant_number           EP/L504889/1 
_pdbx_audit_support.ordinal                1 
# 
_pdbx_nmr_spectrometer.spectrometer_id   1 
_pdbx_nmr_spectrometer.model             AVANCE 
_pdbx_nmr_spectrometer.type              ? 
_pdbx_nmr_spectrometer.manufacturer      Bruker 
_pdbx_nmr_spectrometer.field_strength    600 
_pdbx_nmr_spectrometer.details           ? 
# 
_atom_sites.entry_id                    6QYR 
_atom_sites.fract_transf_matrix[1][1]   1.000000 
_atom_sites.fract_transf_matrix[1][2]   0.000000 
_atom_sites.fract_transf_matrix[1][3]   0.000000 
_atom_sites.fract_transf_matrix[2][1]   0.000000 
_atom_sites.fract_transf_matrix[2][2]   1.000000 
_atom_sites.fract_transf_matrix[2][3]   0.000000 
_atom_sites.fract_transf_matrix[3][1]   0.000000 
_atom_sites.fract_transf_matrix[3][2]   0.000000 
_atom_sites.fract_transf_matrix[3][3]   1.000000 
_atom_sites.fract_transf_vector[1]      0.00000 
_atom_sites.fract_transf_vector[2]      0.00000 
_atom_sites.fract_transf_vector[3]      0.00000 
# 
loop_
_atom_type.symbol 
C 
H 
N 
O 
S 
# 
loop_
_atom_site.group_PDB 
_atom_site.id 
_atom_site.type_symbol 
_atom_site.label_atom_id 
_atom_site.label_alt_id 
_atom_site.label_comp_id 
_atom_site.label_asym_id 
_atom_site.label_entity_id 
_atom_site.label_seq_id 
_atom_site.pdbx_PDB_ins_code 
_atom_site.Cartn_x 
_atom_site.Cartn_y 
_atom_site.Cartn_z 
_atom_site.occupancy 
_atom_site.B_iso_or_equiv 
_atom_site.pdbx_formal_charge 
_atom_site.auth_seq_id 
_atom_site.auth_comp_id 
_atom_site.auth_asym_id 
_atom_site.auth_atom_id 
_atom_site.pdbx_PDB_model_num 
HETATM 1   N N    . DAL A 1 1 ? -3.915 -0.162 -1.860 1.00 0.00 1 1 DAL A N    1  
HETATM 2   C CA   . DAL A 1 1 ? -2.647 0.599  -1.674 1.00 0.00 ? 1 DAL A CA   1  
HETATM 3   C CB   . DAL A 1 1 ? -1.525 -0.081 -2.461 1.00 0.00 ? 1 DAL A CB   1  
HETATM 4   C C    . DAL A 1 1 ? -2.294 0.637  -0.189 1.00 0.00 ? 1 DAL A C    1  
HETATM 5   O O    . DAL A 1 1 ? -1.427 1.403  0.232  1.00 0.00 ? 1 DAL A O    1  
HETATM 6   H H2   . DAL A 1 1 ? -4.348 -0.345 -0.932 1.00 0.00 ? 1 DAL A H2   1  
HETATM 7   H H    . DAL A 1 1 ? -4.569 0.393  -2.447 1.00 0.00 ? 1 DAL A H    1  
HETATM 8   H H3   . DAL A 1 1 ? -3.711 -1.065 -2.332 1.00 0.00 ? 1 DAL A H3   1  
HETATM 9   H HA   . DAL A 1 1 ? -2.779 1.607  -2.036 1.00 0.00 ? 1 DAL A HA   1  
HETATM 10  H HB1  . DAL A 1 1 ? -0.662 0.566  -2.489 1.00 0.00 ? 1 DAL A HB1  1  
HETATM 11  H HB2  . DAL A 1 1 ? -1.861 -0.278 -3.468 1.00 0.00 ? 1 DAL A HB2  1  
ATOM   12  N N    . LEU A 1 2 ? -2.971 -0.192 0.596  1.00 0.00 ? 2 LEU A N    1  
ATOM   13  C CA   . LEU A 1 2 ? -2.721 -0.245 2.032  1.00 0.00 ? 2 LEU A CA   1  
ATOM   14  C C    . LEU A 1 2 ? -1.226 -0.141 2.320  1.00 0.00 ? 2 LEU A C    1  
ATOM   15  O O    . LEU A 1 2 ? -0.715 0.939  2.614  1.00 0.00 ? 2 LEU A O    1  
ATOM   16  C CB   . LEU A 1 2 ? -3.265 -1.554 2.609  1.00 0.00 ? 2 LEU A CB   1  
ATOM   17  C CG   . LEU A 1 2 ? -4.554 -1.274 3.385  1.00 0.00 ? 2 LEU A CG   1  
ATOM   18  C CD1  . LEU A 1 2 ? -5.630 -0.771 2.422  1.00 0.00 ? 2 LEU A CD1  1  
ATOM   19  C CD2  . LEU A 1 2 ? -5.034 -2.564 4.055  1.00 0.00 ? 2 LEU A CD2  1  
ATOM   20  H H    . LEU A 1 2 ? -3.651 -0.780 0.204  1.00 0.00 ? 2 LEU A H    1  
ATOM   21  H HA   . LEU A 1 2 ? -3.228 0.582  2.507  1.00 0.00 ? 2 LEU A HA   1  
ATOM   22  H HB2  . LEU A 1 2 ? -3.471 -2.244 1.804  1.00 0.00 ? 2 LEU A HB2  1  
ATOM   23  H HB3  . LEU A 1 2 ? -2.533 -1.985 3.276  1.00 0.00 ? 2 LEU A HB3  1  
ATOM   24  H HG   . LEU A 1 2 ? -4.365 -0.523 4.137  1.00 0.00 ? 2 LEU A HG   1  
ATOM   25  H HD11 . LEU A 1 2 ? -6.602 -1.089 2.770  1.00 0.00 ? 2 LEU A HD11 1  
ATOM   26  H HD12 . LEU A 1 2 ? -5.450 -1.175 1.437  1.00 0.00 ? 2 LEU A HD12 1  
ATOM   27  H HD13 . LEU A 1 2 ? -5.600 0.307  2.380  1.00 0.00 ? 2 LEU A HD13 1  
ATOM   28  H HD21 . LEU A 1 2 ? -6.076 -2.464 4.324  1.00 0.00 ? 2 LEU A HD21 1  
ATOM   29  H HD22 . LEU A 1 2 ? -4.450 -2.746 4.945  1.00 0.00 ? 2 LEU A HD22 1  
ATOM   30  H HD23 . LEU A 1 2 ? -4.916 -3.391 3.372  1.00 0.00 ? 2 LEU A HD23 1  
ATOM   31  N N    . GLY A 1 3 ? -0.531 -1.271 2.233  1.00 0.00 ? 3 GLY A N    1  
ATOM   32  C CA   . GLY A 1 3 ? 0.904  -1.294 2.484  1.00 0.00 ? 3 GLY A CA   1  
ATOM   33  C C    . GLY A 1 3 ? 1.686  -1.283 1.176  1.00 0.00 ? 3 GLY A C    1  
ATOM   34  O O    . GLY A 1 3 ? 2.917  -1.247 1.177  1.00 0.00 ? 3 GLY A O    1  
ATOM   35  H H    . GLY A 1 3 ? -0.993 -2.103 1.993  1.00 0.00 ? 3 GLY A H    1  
ATOM   36  H HA2  . GLY A 1 3 ? 1.175  -0.427 3.070  1.00 0.00 ? 3 GLY A HA2  1  
ATOM   37  H HA3  . GLY A 1 3 ? 1.153  -2.188 3.036  1.00 0.00 ? 3 GLY A HA3  1  
ATOM   38  N N    . CYS A 1 4 ? 0.962  -1.310 0.061  1.00 0.00 ? 4 CYS A N    1  
ATOM   39  C CA   . CYS A 1 4 ? 1.596  -1.303 -1.252 1.00 0.00 ? 4 CYS A CA   1  
ATOM   40  C C    . CYS A 1 4 ? 2.097  0.096  -1.596 1.00 0.00 ? 4 CYS A C    1  
ATOM   41  O O    . CYS A 1 4 ? 1.643  1.086  -1.025 1.00 0.00 ? 4 CYS A O    1  
ATOM   42  C CB   . CYS A 1 4 ? 0.600  -1.766 -2.315 1.00 0.00 ? 4 CYS A CB   1  
ATOM   43  S SG   . CYS A 1 4 ? -1.083 -1.642 -1.657 1.00 0.00 ? 4 CYS A SG   1  
ATOM   44  H H    . CYS A 1 4 ? -0.016 -1.338 0.123  1.00 0.00 ? 4 CYS A H    1  
ATOM   45  H HA   . CYS A 1 4 ? 2.436  -1.983 -1.240 1.00 0.00 ? 4 CYS A HA   1  
ATOM   46  H HB2  . CYS A 1 4 ? 0.691  -1.140 -3.191 1.00 0.00 ? 4 CYS A HB2  1  
ATOM   47  H HB3  . CYS A 1 4 ? 0.808  -2.791 -2.581 1.00 0.00 ? 4 CYS A HB3  1  
ATOM   48  N N    . THR A 1 5 ? 3.037  0.169  -2.534 1.00 0.00 ? 5 THR A N    1  
ATOM   49  C CA   . THR A 1 5 ? 3.593  1.453  -2.946 1.00 0.00 ? 5 THR A CA   1  
ATOM   50  C C    . THR A 1 5 ? 2.627  2.179  -3.877 1.00 0.00 ? 5 THR A C    1  
ATOM   51  O O    . THR A 1 5 ? 2.685  3.395  -3.926 1.00 0.00 ? 5 THR A O    1  
ATOM   52  C CB   . THR A 1 5 ? 4.930  1.238  -3.661 1.00 0.00 ? 5 THR A CB   1  
ATOM   53  O OG1  . THR A 1 5 ? 5.530  2.499  -3.924 1.00 0.00 ? 5 THR A OG1  1  
ATOM   54  C CG2  . THR A 1 5 ? 4.694  0.497  -4.977 1.00 0.00 ? 5 THR A CG2  1  
ATOM   55  O OXT  . THR A 1 5 ? 1.844  1.506  -4.526 1.00 0.00 ? 5 THR A OXT  1  
ATOM   56  H H    . THR A 1 5 ? 3.361  -0.654 -2.954 1.00 0.00 ? 5 THR A H    1  
ATOM   57  H HA   . THR A 1 5 ? 3.759  2.060  -2.069 1.00 0.00 ? 5 THR A HA   1  
ATOM   58  H HB   . THR A 1 5 ? 5.583  0.652  -3.034 1.00 0.00 ? 5 THR A HB   1  
ATOM   59  H HG1  . THR A 1 5 ? 6.457  2.443  -3.680 1.00 0.00 ? 5 THR A HG1  1  
ATOM   60  H HG21 . THR A 1 5 ? 4.144  1.134  -5.655 1.00 0.00 ? 5 THR A HG21 1  
ATOM   61  H HG22 . THR A 1 5 ? 4.127  -0.402 -4.787 1.00 0.00 ? 5 THR A HG22 1  
ATOM   62  H HG23 . THR A 1 5 ? 5.644  0.237  -5.418 1.00 0.00 ? 5 THR A HG23 1  
HETATM 63  N N    . DAL A 1 1 ? -3.441 -1.286 -1.439 1.00 0.00 1 1 DAL A N    2  
HETATM 64  C CA   . DAL A 1 1 ? -2.699 -0.007 -1.630 1.00 0.00 ? 1 DAL A CA   2  
HETATM 65  C CB   . DAL A 1 1 ? -1.483 -0.254 -2.527 1.00 0.00 ? 1 DAL A CB   2  
HETATM 66  C C    . DAL A 1 1 ? -2.245 0.521  -0.272 1.00 0.00 ? 1 DAL A C    2  
HETATM 67  O O    . DAL A 1 1 ? -1.379 1.393  -0.193 1.00 0.00 ? 1 DAL A O    2  
HETATM 68  H H2   . DAL A 1 1 ? -3.442 -1.821 -2.331 1.00 0.00 ? 1 DAL A H2   2  
HETATM 69  H H    . DAL A 1 1 ? -2.978 -1.848 -0.696 1.00 0.00 ? 1 DAL A H    2  
HETATM 70  H H3   . DAL A 1 1 ? -4.420 -1.081 -1.156 1.00 0.00 ? 1 DAL A H3   2  
HETATM 71  H HA   . DAL A 1 1 ? -3.349 0.717  -2.097 1.00 0.00 ? 1 DAL A HA   2  
HETATM 72  H HB1  . DAL A 1 1 ? -0.802 0.579  -2.448 1.00 0.00 ? 1 DAL A HB1  2  
HETATM 73  H HB2  . DAL A 1 1 ? -1.807 -0.361 -3.551 1.00 0.00 ? 1 DAL A HB2  2  
ATOM   74  N N    . LEU A 1 2 ? -2.832 -0.014 0.795  1.00 0.00 ? 2 LEU A N    2  
ATOM   75  C CA   . LEU A 1 2 ? -2.475 0.410  2.143  1.00 0.00 ? 2 LEU A CA   2  
ATOM   76  C C    . LEU A 1 2 ? -1.091 -0.113 2.511  1.00 0.00 ? 2 LEU A C    2  
ATOM   77  O O    . LEU A 1 2 ? -0.347 0.531  3.251  1.00 0.00 ? 2 LEU A O    2  
ATOM   78  C CB   . LEU A 1 2 ? -3.506 -0.113 3.149  1.00 0.00 ? 2 LEU A CB   2  
ATOM   79  C CG   . LEU A 1 2 ? -4.333 1.054  3.690  1.00 0.00 ? 2 LEU A CG   2  
ATOM   80  C CD1  . LEU A 1 2 ? -3.410 2.062  4.375  1.00 0.00 ? 2 LEU A CD1  2  
ATOM   81  C CD2  . LEU A 1 2 ? -5.062 1.737  2.531  1.00 0.00 ? 2 LEU A CD2  2  
ATOM   82  H H    . LEU A 1 2 ? -3.516 -0.707 0.672  1.00 0.00 ? 2 LEU A H    2  
ATOM   83  H HA   . LEU A 1 2 ? -2.463 1.489  2.183  1.00 0.00 ? 2 LEU A HA   2  
ATOM   84  H HB2  . LEU A 1 2 ? -4.157 -0.821 2.659  1.00 0.00 ? 2 LEU A HB2  2  
ATOM   85  H HB3  . LEU A 1 2 ? -2.995 -0.600 3.966  1.00 0.00 ? 2 LEU A HB3  2  
ATOM   86  H HG   . LEU A 1 2 ? -5.054 0.683  4.403  1.00 0.00 ? 2 LEU A HG   2  
ATOM   87  H HD11 . LEU A 1 2 ? -2.436 1.618  4.520  1.00 0.00 ? 2 LEU A HD11 2  
ATOM   88  H HD12 . LEU A 1 2 ? -3.826 2.339  5.333  1.00 0.00 ? 2 LEU A HD12 2  
ATOM   89  H HD13 . LEU A 1 2 ? -3.315 2.942  3.757  1.00 0.00 ? 2 LEU A HD13 2  
ATOM   90  H HD21 . LEU A 1 2 ? -5.163 1.042  1.710  1.00 0.00 ? 2 LEU A HD21 2  
ATOM   91  H HD22 . LEU A 1 2 ? -4.495 2.597  2.207  1.00 0.00 ? 2 LEU A HD22 2  
ATOM   92  H HD23 . LEU A 1 2 ? -6.041 2.053  2.859  1.00 0.00 ? 2 LEU A HD23 2  
ATOM   93  N N    . GLY A 1 3 ? -0.753 -1.282 1.979  1.00 0.00 ? 3 GLY A N    2  
ATOM   94  C CA   . GLY A 1 3 ? 0.548  -1.884 2.247  1.00 0.00 ? 3 GLY A CA   2  
ATOM   95  C C    . GLY A 1 3 ? 1.499  -1.627 1.086  1.00 0.00 ? 3 GLY A C    2  
ATOM   96  O O    . GLY A 1 3 ? 2.690  -1.929 1.164  1.00 0.00 ? 3 GLY A O    2  
ATOM   97  H H    . GLY A 1 3 ? -1.384 -1.745 1.392  1.00 0.00 ? 3 GLY A H    2  
ATOM   98  H HA2  . GLY A 1 3 ? 0.959  -1.457 3.151  1.00 0.00 ? 3 GLY A HA2  2  
ATOM   99  H HA3  . GLY A 1 3 ? 0.428  -2.950 2.376  1.00 0.00 ? 3 GLY A HA3  2  
ATOM   100 N N    . CYS A 1 4 ? 0.959  -1.064 0.010  1.00 0.00 ? 4 CYS A N    2  
ATOM   101 C CA   . CYS A 1 4 ? 1.759  -0.763 -1.170 1.00 0.00 ? 4 CYS A CA   2  
ATOM   102 C C    . CYS A 1 4 ? 2.006  0.741  -1.274 1.00 0.00 ? 4 CYS A C    2  
ATOM   103 O O    . CYS A 1 4 ? 1.481  1.408  -2.164 1.00 0.00 ? 4 CYS A O    2  
ATOM   104 C CB   . CYS A 1 4 ? 1.041  -1.263 -2.426 1.00 0.00 ? 4 CYS A CB   2  
ATOM   105 S SG   . CYS A 1 4 ? -0.644 -1.770 -1.998 1.00 0.00 ? 4 CYS A SG   2  
ATOM   106 H H    . CYS A 1 4 ? 0.004  -0.845 0.010  1.00 0.00 ? 4 CYS A H    2  
ATOM   107 H HA   . CYS A 1 4 ? 2.709  -1.268 -1.087 1.00 0.00 ? 4 CYS A HA   2  
ATOM   108 H HB2  . CYS A 1 4 ? 1.002  -0.474 -3.162 1.00 0.00 ? 4 CYS A HB2  2  
ATOM   109 H HB3  . CYS A 1 4 ? 1.577  -2.107 -2.834 1.00 0.00 ? 4 CYS A HB3  2  
ATOM   110 N N    . THR A 1 5 ? 2.806  1.265  -0.353 1.00 0.00 ? 5 THR A N    2  
ATOM   111 C CA   . THR A 1 5 ? 3.116  2.690  -0.346 1.00 0.00 ? 5 THR A CA   2  
ATOM   112 C C    . THR A 1 5 ? 3.327  3.199  -1.767 1.00 0.00 ? 5 THR A C    2  
ATOM   113 O O    . THR A 1 5 ? 4.352  2.876  -2.346 1.00 0.00 ? 5 THR A O    2  
ATOM   114 C CB   . THR A 1 5 ? 4.374  2.944  0.485  1.00 0.00 ? 5 THR A CB   2  
ATOM   115 O OG1  . THR A 1 5 ? 5.317  3.665  -0.297 1.00 0.00 ? 5 THR A OG1  2  
ATOM   116 C CG2  . THR A 1 5 ? 4.980  1.608  0.918  1.00 0.00 ? 5 THR A CG2  2  
ATOM   117 O OXT  . THR A 1 5 ? 2.463  3.907  -2.257 1.00 0.00 ? 5 THR A OXT  2  
ATOM   118 H H    . THR A 1 5 ? 3.195  0.685  0.335  1.00 0.00 ? 5 THR A H    2  
ATOM   119 H HA   . THR A 1 5 ? 2.290  3.225  0.098  1.00 0.00 ? 5 THR A HA   2  
ATOM   120 H HB   . THR A 1 5 ? 4.118  3.519  1.360  1.00 0.00 ? 5 THR A HB   2  
ATOM   121 H HG1  . THR A 1 5 ? 5.357  4.563  0.040  1.00 0.00 ? 5 THR A HG1  2  
ATOM   122 H HG21 . THR A 1 5 ? 5.153  0.992  0.047  1.00 0.00 ? 5 THR A HG21 2  
ATOM   123 H HG22 . THR A 1 5 ? 4.298  1.103  1.586  1.00 0.00 ? 5 THR A HG22 2  
ATOM   124 H HG23 . THR A 1 5 ? 5.917  1.785  1.423  1.00 0.00 ? 5 THR A HG23 2  
HETATM 125 N N    . DAL A 1 1 ? -3.848 -0.432 -1.830 1.00 0.00 1 1 DAL A N    3  
HETATM 126 C CA   . DAL A 1 1 ? -2.690 0.496  -1.692 1.00 0.00 ? 1 DAL A CA   3  
HETATM 127 C CB   . DAL A 1 1 ? -1.481 -0.087 -2.427 1.00 0.00 ? 1 DAL A CB   3  
HETATM 128 C C    . DAL A 1 1 ? -2.365 0.682  -0.215 1.00 0.00 ? 1 DAL A C    3  
HETATM 129 O O    . DAL A 1 1 ? -1.629 1.595  0.161  1.00 0.00 ? 1 DAL A O    3  
HETATM 130 H H2   . DAL A 1 1 ? -4.476 -0.325 -1.008 1.00 0.00 ? 1 DAL A H2   3  
HETATM 131 H H    . DAL A 1 1 ? -4.372 -0.207 -2.700 1.00 0.00 ? 1 DAL A H    3  
HETATM 132 H H3   . DAL A 1 1 ? -3.503 -1.411 -1.878 1.00 0.00 ? 1 DAL A H3   3  
HETATM 133 H HA   . DAL A 1 1 ? -2.945 1.452  -2.125 1.00 0.00 ? 1 DAL A HA   3  
HETATM 134 H HB1  . DAL A 1 1 ? -0.654 0.604  -2.365 1.00 0.00 ? 1 DAL A HB1  3  
HETATM 135 H HB2  . DAL A 1 1 ? -1.735 -0.252 -3.464 1.00 0.00 ? 1 DAL A HB2  3  
ATOM   136 N N    . LEU A 1 2 ? -2.920 -0.190 0.622  1.00 0.00 ? 2 LEU A N    3  
ATOM   137 C CA   . LEU A 1 2 ? -2.685 -0.113 2.060  1.00 0.00 ? 2 LEU A CA   3  
ATOM   138 C C    . LEU A 1 2 ? -1.191 -0.126 2.364  1.00 0.00 ? 2 LEU A C    3  
ATOM   139 O O    . LEU A 1 2 ? -0.616 0.895  2.736  1.00 0.00 ? 2 LEU A O    3  
ATOM   140 C CB   . LEU A 1 2 ? -3.362 -1.291 2.763  1.00 0.00 ? 2 LEU A CB   3  
ATOM   141 C CG   . LEU A 1 2 ? -4.835 -1.360 2.352  1.00 0.00 ? 2 LEU A CG   3  
ATOM   142 C CD1  . LEU A 1 2 ? -5.161 -2.766 1.847  1.00 0.00 ? 2 LEU A CD1  3  
ATOM   143 C CD2  . LEU A 1 2 ? -5.718 -1.036 3.560  1.00 0.00 ? 2 LEU A CD2  3  
ATOM   144 H H    . LEU A 1 2 ? -3.501 -0.896 0.266  1.00 0.00 ? 2 LEU A H    3  
ATOM   145 H HA   . LEU A 1 2 ? -3.111 0.806  2.435  1.00 0.00 ? 2 LEU A HA   3  
ATOM   146 H HB2  . LEU A 1 2 ? -2.866 -2.210 2.483  1.00 0.00 ? 2 LEU A HB2  3  
ATOM   147 H HB3  . LEU A 1 2 ? -3.294 -1.158 3.833  1.00 0.00 ? 2 LEU A HB3  3  
ATOM   148 H HG   . LEU A 1 2 ? -5.022 -0.644 1.564  1.00 0.00 ? 2 LEU A HG   3  
ATOM   149 H HD11 . LEU A 1 2 ? -6.120 -2.758 1.350  1.00 0.00 ? 2 LEU A HD11 3  
ATOM   150 H HD12 . LEU A 1 2 ? -5.195 -3.449 2.683  1.00 0.00 ? 2 LEU A HD12 3  
ATOM   151 H HD13 . LEU A 1 2 ? -4.398 -3.085 1.152  1.00 0.00 ? 2 LEU A HD13 3  
ATOM   152 H HD21 . LEU A 1 2 ? -5.661 0.022  3.773  1.00 0.00 ? 2 LEU A HD21 3  
ATOM   153 H HD22 . LEU A 1 2 ? -5.375 -1.595 4.416  1.00 0.00 ? 2 LEU A HD22 3  
ATOM   154 H HD23 . LEU A 1 2 ? -6.741 -1.304 3.340  1.00 0.00 ? 2 LEU A HD23 3  
ATOM   155 N N    . GLY A 1 3 ? -0.569 -1.290 2.204  1.00 0.00 ? 3 GLY A N    3  
ATOM   156 C CA   . GLY A 1 3 ? 0.860  -1.424 2.468  1.00 0.00 ? 3 GLY A CA   3  
ATOM   157 C C    . GLY A 1 3 ? 1.653  -1.489 1.166  1.00 0.00 ? 3 GLY A C    3  
ATOM   158 O O    . GLY A 1 3 ? 2.840  -1.817 1.169  1.00 0.00 ? 3 GLY A O    3  
ATOM   159 H H    . GLY A 1 3 ? -1.080 -2.072 1.906  1.00 0.00 ? 3 GLY A H    3  
ATOM   160 H HA2  . GLY A 1 3 ? 1.195  -0.575 3.047  1.00 0.00 ? 3 GLY A HA2  3  
ATOM   161 H HA3  . GLY A 1 3 ? 1.033  -2.330 3.031  1.00 0.00 ? 3 GLY A HA3  3  
ATOM   162 N N    . CYS A 1 4 ? 0.991  -1.174 0.058  1.00 0.00 ? 4 CYS A N    3  
ATOM   163 C CA   . CYS A 1 4 ? 1.648  -1.202 -1.244 1.00 0.00 ? 4 CYS A CA   3  
ATOM   164 C C    . CYS A 1 4 ? 2.124  0.193  -1.635 1.00 0.00 ? 4 CYS A C    3  
ATOM   165 O O    . CYS A 1 4 ? 2.624  0.400  -2.741 1.00 0.00 ? 4 CYS A O    3  
ATOM   166 C CB   . CYS A 1 4 ? 0.678  -1.728 -2.305 1.00 0.00 ? 4 CYS A CB   3  
ATOM   167 S SG   . CYS A 1 4 ? -1.012 -1.660 -1.664 1.00 0.00 ? 4 CYS A SG   3  
ATOM   168 H H    . CYS A 1 4 ? 0.046  -0.922 0.116  1.00 0.00 ? 4 CYS A H    3  
ATOM   169 H HA   . CYS A 1 4 ? 2.500  -1.862 -1.194 1.00 0.00 ? 4 CYS A HA   3  
ATOM   170 H HB2  . CYS A 1 4 ? 0.752  -1.118 -3.193 1.00 0.00 ? 4 CYS A HB2  3  
ATOM   171 H HB3  . CYS A 1 4 ? 0.930  -2.750 -2.547 1.00 0.00 ? 4 CYS A HB3  3  
ATOM   172 N N    . THR A 1 5 ? 1.964  1.146  -0.724 1.00 0.00 ? 5 THR A N    3  
ATOM   173 C CA   . THR A 1 5 ? 2.381  2.519  -0.988 1.00 0.00 ? 5 THR A CA   3  
ATOM   174 C C    . THR A 1 5 ? 2.217  2.854  -2.466 1.00 0.00 ? 5 THR A C    3  
ATOM   175 O O    . THR A 1 5 ? 3.225  2.971  -3.143 1.00 0.00 ? 5 THR A O    3  
ATOM   176 C CB   . THR A 1 5 ? 3.843  2.708  -0.579 1.00 0.00 ? 5 THR A CB   3  
ATOM   177 O OG1  . THR A 1 5 ? 4.686  2.055  -1.519 1.00 0.00 ? 5 THR A OG1  3  
ATOM   178 C CG2  . THR A 1 5 ? 4.072  2.114  0.812  1.00 0.00 ? 5 THR A CG2  3  
ATOM   179 O OXT  . THR A 1 5 ? 1.086  2.990  -2.901 1.00 0.00 ? 5 THR A OXT  3  
ATOM   180 H H    . THR A 1 5 ? 1.558  0.923  0.139  1.00 0.00 ? 5 THR A H    3  
ATOM   181 H HA   . THR A 1 5 ? 1.766  3.189  -0.405 1.00 0.00 ? 5 THR A HA   3  
ATOM   182 H HB   . THR A 1 5 ? 4.078  3.762  -0.557 1.00 0.00 ? 5 THR A HB   3  
ATOM   183 H HG1  . THR A 1 5 ? 5.330  1.537  -1.031 1.00 0.00 ? 5 THR A HG1  3  
ATOM   184 H HG21 . THR A 1 5 ? 4.403  2.890  1.486  1.00 0.00 ? 5 THR A HG21 3  
ATOM   185 H HG22 . THR A 1 5 ? 4.825  1.341  0.755  1.00 0.00 ? 5 THR A HG22 3  
ATOM   186 H HG23 . THR A 1 5 ? 3.149  1.688  1.178  1.00 0.00 ? 5 THR A HG23 3  
HETATM 187 N N    . DAL A 1 1 ? -3.948 -0.215 -1.850 1.00 0.00 1 1 DAL A N    4  
HETATM 188 C CA   . DAL A 1 1 ? -2.682 0.556  -1.707 1.00 0.00 ? 1 DAL A CA   4  
HETATM 189 C CB   . DAL A 1 1 ? -1.568 -0.149 -2.485 1.00 0.00 ? 1 DAL A CB   4  
HETATM 190 C C    . DAL A 1 1 ? -2.308 0.647  -0.231 1.00 0.00 ? 1 DAL A C    4  
HETATM 191 O O    . DAL A 1 1 ? -1.462 1.451  0.156  1.00 0.00 ? 1 DAL A O    4  
HETATM 192 H H2   . DAL A 1 1 ? -4.402 0.028  -2.755 1.00 0.00 ? 1 DAL A H2   4  
HETATM 193 H H    . DAL A 1 1 ? -3.739 -1.234 -1.829 1.00 0.00 ? 1 DAL A H    4  
HETATM 194 H H3   . DAL A 1 1 ? -4.589 0.021  -1.067 1.00 0.00 ? 1 DAL A H3   4  
HETATM 195 H HA   . DAL A 1 1 ? -2.822 1.552  -2.102 1.00 0.00 ? 1 DAL A HA   4  
HETATM 196 H HB1  . DAL A 1 1 ? -0.714 0.508  -2.564 1.00 0.00 ? 1 DAL A HB1  4  
HETATM 197 H HB2  . DAL A 1 1 ? -1.923 -0.398 -3.474 1.00 0.00 ? 1 DAL A HB2  4  
ATOM   198 N N    . LEU A 1 2 ? -2.947 -0.183 0.587  1.00 0.00 ? 2 LEU A N    4  
ATOM   199 C CA   . LEU A 1 2 ? -2.674 -0.187 2.020  1.00 0.00 ? 2 LEU A CA   4  
ATOM   200 C C    . LEU A 1 2 ? -1.172 -0.133 2.280  1.00 0.00 ? 2 LEU A C    4  
ATOM   201 O O    . LEU A 1 2 ? -0.606 0.941  2.484  1.00 0.00 ? 2 LEU A O    4  
ATOM   202 C CB   . LEU A 1 2 ? -3.259 -1.449 2.660  1.00 0.00 ? 2 LEU A CB   4  
ATOM   203 C CG   . LEU A 1 2 ? -3.019 -1.416 4.172  1.00 0.00 ? 2 LEU A CG   4  
ATOM   204 C CD1  . LEU A 1 2 ? -4.359 -1.509 4.905  1.00 0.00 ? 2 LEU A CD1  4  
ATOM   205 C CD2  . LEU A 1 2 ? -2.136 -2.599 4.575  1.00 0.00 ? 2 LEU A CD2  4  
ATOM   206 H H    . LEU A 1 2 ? -3.612 -0.803 0.222  1.00 0.00 ? 2 LEU A H    4  
ATOM   207 H HA   . LEU A 1 2 ? -3.138 0.678  2.468  1.00 0.00 ? 2 LEU A HA   4  
ATOM   208 H HB2  . LEU A 1 2 ? -4.321 -1.491 2.462  1.00 0.00 ? 2 LEU A HB2  4  
ATOM   209 H HB3  . LEU A 1 2 ? -2.780 -2.320 2.239  1.00 0.00 ? 2 LEU A HB3  4  
ATOM   210 H HG   . LEU A 1 2 ? -2.528 -0.491 4.440  1.00 0.00 ? 2 LEU A HG   4  
ATOM   211 H HD11 . LEU A 1 2 ? -4.187 -1.800 5.932  1.00 0.00 ? 2 LEU A HD11 4  
ATOM   212 H HD12 . LEU A 1 2 ? -4.983 -2.245 4.422  1.00 0.00 ? 2 LEU A HD12 4  
ATOM   213 H HD13 . LEU A 1 2 ? -4.850 -0.548 4.881  1.00 0.00 ? 2 LEU A HD13 4  
ATOM   214 H HD21 . LEU A 1 2 ? -1.728 -2.425 5.560  1.00 0.00 ? 2 LEU A HD21 4  
ATOM   215 H HD22 . LEU A 1 2 ? -1.329 -2.706 3.865  1.00 0.00 ? 2 LEU A HD22 4  
ATOM   216 H HD23 . LEU A 1 2 ? -2.729 -3.503 4.585  1.00 0.00 ? 2 LEU A HD23 4  
ATOM   217 N N    . GLY A 1 3 ? -0.532 -1.298 2.271  1.00 0.00 ? 3 GLY A N    4  
ATOM   218 C CA   . GLY A 1 3 ? 0.905  -1.371 2.507  1.00 0.00 ? 3 GLY A CA   4  
ATOM   219 C C    . GLY A 1 3 ? 1.673  -1.414 1.191  1.00 0.00 ? 3 GLY A C    4  
ATOM   220 O O    . GLY A 1 3 ? 2.887  -1.614 1.175  1.00 0.00 ? 3 GLY A O    4  
ATOM   221 H H    . GLY A 1 3 ? -1.035 -2.121 2.103  1.00 0.00 ? 3 GLY A H    4  
ATOM   222 H HA2  . GLY A 1 3 ? 1.216  -0.503 3.074  1.00 0.00 ? 3 GLY A HA2  4  
ATOM   223 H HA3  . GLY A 1 3 ? 1.127  -2.262 3.074  1.00 0.00 ? 3 GLY A HA3  4  
ATOM   224 N N    . CYS A 1 4 ? 0.956  -1.223 0.088  1.00 0.00 ? 4 CYS A N    4  
ATOM   225 C CA   . CYS A 1 4 ? 1.582  -1.242 -1.231 1.00 0.00 ? 4 CYS A CA   4  
ATOM   226 C C    . CYS A 1 4 ? 2.035  0.158  -1.628 1.00 0.00 ? 4 CYS A C    4  
ATOM   227 O O    . CYS A 1 4 ? 1.301  1.132  -1.454 1.00 0.00 ? 4 CYS A O    4  
ATOM   228 C CB   . CYS A 1 4 ? 0.595  -1.776 -2.269 1.00 0.00 ? 4 CYS A CB   4  
ATOM   229 S SG   . CYS A 1 4 ? -1.089 -1.661 -1.616 1.00 0.00 ? 4 CYS A SG   4  
ATOM   230 H H    . CYS A 1 4 ? -0.008 -1.067 0.160  1.00 0.00 ? 4 CYS A H    4  
ATOM   231 H HA   . CYS A 1 4 ? 2.443  -1.893 -1.201 1.00 0.00 ? 4 CYS A HA   4  
ATOM   232 H HB2  . CYS A 1 4 ? 0.670  -1.188 -3.172 1.00 0.00 ? 4 CYS A HB2  4  
ATOM   233 H HB3  . CYS A 1 4 ? 0.827  -2.808 -2.490 1.00 0.00 ? 4 CYS A HB3  4  
ATOM   234 N N    . THR A 1 5 ? 3.248  0.253  -2.163 1.00 0.00 ? 5 THR A N    4  
ATOM   235 C CA   . THR A 1 5 ? 3.789  1.541  -2.582 1.00 0.00 ? 5 THR A CA   4  
ATOM   236 C C    . THR A 1 5 ? 3.672  1.704  -4.094 1.00 0.00 ? 5 THR A C    4  
ATOM   237 O O    . THR A 1 5 ? 4.471  1.110  -4.798 1.00 0.00 ? 5 THR A O    4  
ATOM   238 C CB   . THR A 1 5 ? 5.258  1.650  -2.168 1.00 0.00 ? 5 THR A CB   4  
ATOM   239 O OG1  . THR A 1 5 ? 6.078  1.082  -3.179 1.00 0.00 ? 5 THR A OG1  4  
ATOM   240 C CG2  . THR A 1 5 ? 5.476  0.903  -0.851 1.00 0.00 ? 5 THR A CG2  4  
ATOM   241 O OXT  . THR A 1 5 ? 2.785  2.422  -4.526 1.00 0.00 ? 5 THR A OXT  4  
ATOM   242 H H    . THR A 1 5 ? 3.789  -0.556 -2.277 1.00 0.00 ? 5 THR A H    4  
ATOM   243 H HA   . THR A 1 5 ? 3.231  2.330  -2.100 1.00 0.00 ? 5 THR A HA   4  
ATOM   244 H HB   . THR A 1 5 ? 5.519  2.690  -2.032 1.00 0.00 ? 5 THR A HB   4  
ATOM   245 H HG1  . THR A 1 5 ? 6.866  1.624  -3.261 1.00 0.00 ? 5 THR A HG1  4  
ATOM   246 H HG21 . THR A 1 5 ? 5.188  -0.132 -0.974 1.00 0.00 ? 5 THR A HG21 4  
ATOM   247 H HG22 . THR A 1 5 ? 4.875  1.355  -0.076 1.00 0.00 ? 5 THR A HG22 4  
ATOM   248 H HG23 . THR A 1 5 ? 6.519  0.955  -0.575 1.00 0.00 ? 5 THR A HG23 4  
HETATM 249 N N    . DAL A 1 1 ? -3.737 -0.464 -1.826 1.00 0.00 1 1 DAL A N    5  
HETATM 250 C CA   . DAL A 1 1 ? -2.581 0.463  -1.661 1.00 0.00 ? 1 DAL A CA   5  
HETATM 251 C CB   . DAL A 1 1 ? -1.379 -0.087 -2.429 1.00 0.00 ? 1 DAL A CB   5  
HETATM 252 C C    . DAL A 1 1 ? -2.240 0.587  -0.180 1.00 0.00 ? 1 DAL A C    5  
HETATM 253 O O    . DAL A 1 1 ? -1.343 1.340  0.198  1.00 0.00 ? 1 DAL A O    5  
HETATM 254 H H2   . DAL A 1 1 ? -3.669 -0.941 -2.749 1.00 0.00 ? 1 DAL A H2   5  
HETATM 255 H H    . DAL A 1 1 ? -3.725 -1.173 -1.067 1.00 0.00 ? 1 DAL A H    5  
HETATM 256 H H3   . DAL A 1 1 ? -4.624 0.077  -1.780 1.00 0.00 ? 1 DAL A H3   5  
HETATM 257 H HA   . DAL A 1 1 ? -2.843 1.435  -2.051 1.00 0.00 ? 1 DAL A HA   5  
HETATM 258 H HB1  . DAL A 1 1 ? -0.522 0.548  -2.260 1.00 0.00 ? 1 DAL A HB1  5  
HETATM 259 H HB2  . DAL A 1 1 ? -1.605 -0.111 -3.485 1.00 0.00 ? 1 DAL A HB2  5  
ATOM   260 N N    . LEU A 1 2 ? -2.961 -0.156 0.653  1.00 0.00 ? 2 LEU A N    5  
ATOM   261 C CA   . LEU A 1 2 ? -2.724 -0.120 2.091  1.00 0.00 ? 2 LEU A CA   5  
ATOM   262 C C    . LEU A 1 2 ? -1.228 -0.124 2.391  1.00 0.00 ? 2 LEU A C    5  
ATOM   263 O O    . LEU A 1 2 ? -0.664 0.894  2.794  1.00 0.00 ? 2 LEU A O    5  
ATOM   264 C CB   . LEU A 1 2 ? -3.383 -1.330 2.759  1.00 0.00 ? 2 LEU A CB   5  
ATOM   265 C CG   . LEU A 1 2 ? -4.747 -0.923 3.318  1.00 0.00 ? 2 LEU A CG   5  
ATOM   266 C CD1  . LEU A 1 2 ? -4.556 0.066  4.470  1.00 0.00 ? 2 LEU A CD1  5  
ATOM   267 C CD2  . LEU A 1 2 ? -5.574 -0.265 2.211  1.00 0.00 ? 2 LEU A CD2  5  
ATOM   268 H H    . LEU A 1 2 ? -3.663 -0.739 0.295  1.00 0.00 ? 2 LEU A H    5  
ATOM   269 H HA   . LEU A 1 2 ? -3.160 0.781  2.496  1.00 0.00 ? 2 LEU A HA   5  
ATOM   270 H HB2  . LEU A 1 2 ? -3.510 -2.117 2.031  1.00 0.00 ? 2 LEU A HB2  5  
ATOM   271 H HB3  . LEU A 1 2 ? -2.756 -1.682 3.565  1.00 0.00 ? 2 LEU A HB3  5  
ATOM   272 H HG   . LEU A 1 2 ? -5.263 -1.802 3.681  1.00 0.00 ? 2 LEU A HG   5  
ATOM   273 H HD11 . LEU A 1 2 ? -3.510 0.111  4.734  1.00 0.00 ? 2 LEU A HD11 5  
ATOM   274 H HD12 . LEU A 1 2 ? -5.129 -0.261 5.324  1.00 0.00 ? 2 LEU A HD12 5  
ATOM   275 H HD13 . LEU A 1 2 ? -4.892 1.044  4.163  1.00 0.00 ? 2 LEU A HD13 5  
ATOM   276 H HD21 . LEU A 1 2 ? -6.619 -0.498 2.354  1.00 0.00 ? 2 LEU A HD21 5  
ATOM   277 H HD22 . LEU A 1 2 ? -5.250 -0.636 1.251  1.00 0.00 ? 2 LEU A HD22 5  
ATOM   278 H HD23 . LEU A 1 2 ? -5.437 0.806  2.250  1.00 0.00 ? 2 LEU A HD23 5  
ATOM   279 N N    . GLY A 1 3 ? -0.592 -1.273 2.188  1.00 0.00 ? 3 GLY A N    5  
ATOM   280 C CA   . GLY A 1 3 ? 0.840  -1.396 2.439  1.00 0.00 ? 3 GLY A CA   5  
ATOM   281 C C    . GLY A 1 3 ? 1.635  -1.233 1.149  1.00 0.00 ? 3 GLY A C    5  
ATOM   282 O O    . GLY A 1 3 ? 2.848  -1.023 1.179  1.00 0.00 ? 3 GLY A O    5  
ATOM   283 H H    . GLY A 1 3 ? -1.093 -2.051 1.865  1.00 0.00 ? 3 GLY A H    5  
ATOM   284 H HA2  . GLY A 1 3 ? 1.143  -0.635 3.144  1.00 0.00 ? 3 GLY A HA2  5  
ATOM   285 H HA3  . GLY A 1 3 ? 1.044  -2.370 2.859  1.00 0.00 ? 3 GLY A HA3  5  
ATOM   286 N N    . CYS A 1 4 ? 0.944  -1.329 0.018  1.00 0.00 ? 4 CYS A N    5  
ATOM   287 C CA   . CYS A 1 4 ? 1.598  -1.189 -1.279 1.00 0.00 ? 4 CYS A CA   5  
ATOM   288 C C    . CYS A 1 4 ? 1.851  0.281  -1.596 1.00 0.00 ? 4 CYS A C    5  
ATOM   289 O O    . CYS A 1 4 ? 2.341  0.618  -2.675 1.00 0.00 ? 4 CYS A O    5  
ATOM   290 C CB   . CYS A 1 4 ? 0.724  -1.807 -2.372 1.00 0.00 ? 4 CYS A CB   5  
ATOM   291 S SG   . CYS A 1 4 ? -1.010 -1.764 -1.854 1.00 0.00 ? 4 CYS A SG   5  
ATOM   292 H H    . CYS A 1 4 ? -0.021 -1.496 0.055  1.00 0.00 ? 4 CYS A H    5  
ATOM   293 H HA   . CYS A 1 4 ? 2.542  -1.711 -1.253 1.00 0.00 ? 4 CYS A HA   5  
ATOM   294 H HB2  . CYS A 1 4 ? 0.840  -1.243 -3.287 1.00 0.00 ? 4 CYS A HB2  5  
ATOM   295 H HB3  . CYS A 1 4 ? 1.025  -2.830 -2.539 1.00 0.00 ? 4 CYS A HB3  5  
ATOM   296 N N    . THR A 1 5 ? 1.517  1.152  -0.650 1.00 0.00 ? 5 THR A N    5  
ATOM   297 C CA   . THR A 1 5 ? 1.713  2.585  -0.839 1.00 0.00 ? 5 THR A CA   5  
ATOM   298 C C    . THR A 1 5 ? 1.281  3.004  -2.241 1.00 0.00 ? 5 THR A C    5  
ATOM   299 O O    . THR A 1 5 ? 0.127  2.789  -2.573 1.00 0.00 ? 5 THR A O    5  
ATOM   300 C CB   . THR A 1 5 ? 3.186  2.942  -0.629 1.00 0.00 ? 5 THR A CB   5  
ATOM   301 O OG1  . THR A 1 5 ? 3.715  2.159  0.432  1.00 0.00 ? 5 THR A OG1  5  
ATOM   302 C CG2  . THR A 1 5 ? 3.309  4.427  -0.280 1.00 0.00 ? 5 THR A CG2  5  
ATOM   303 O OXT  . THR A 1 5 ? 2.111  3.534  -2.962 1.00 0.00 ? 5 THR A OXT  5  
ATOM   304 H H    . THR A 1 5 ? 1.132  0.827  0.190  1.00 0.00 ? 5 THR A H    5  
ATOM   305 H HA   . THR A 1 5 ? 1.119  3.119  -0.115 1.00 0.00 ? 5 THR A HA   5  
ATOM   306 H HB   . THR A 1 5 ? 3.739  2.743  -1.534 1.00 0.00 ? 5 THR A HB   5  
ATOM   307 H HG1  . THR A 1 5 ? 3.981  2.755  1.137  1.00 0.00 ? 5 THR A HG1  5  
ATOM   308 H HG21 . THR A 1 5 ? 2.725  4.639  0.603  1.00 0.00 ? 5 THR A HG21 5  
ATOM   309 H HG22 . THR A 1 5 ? 2.945  5.021  -1.105 1.00 0.00 ? 5 THR A HG22 5  
ATOM   310 H HG23 . THR A 1 5 ? 4.345  4.667  -0.090 1.00 0.00 ? 5 THR A HG23 5  
HETATM 311 N N    . DAL A 1 1 ? -3.357 -1.256 -1.492 1.00 0.00 1 1 DAL A N    6  
HETATM 312 C CA   . DAL A 1 1 ? -2.667 0.062  -1.595 1.00 0.00 ? 1 DAL A CA   6  
HETATM 313 C CB   . DAL A 1 1 ? -1.425 -0.085 -2.476 1.00 0.00 ? 1 DAL A CB   6  
HETATM 314 C C    . DAL A 1 1 ? -2.263 0.533  -0.204 1.00 0.00 ? 1 DAL A C    6  
HETATM 315 O O    . DAL A 1 1 ? -1.391 1.389  -0.058 1.00 0.00 ? 1 DAL A O    6  
HETATM 316 H H2   . DAL A 1 1 ? -3.990 -1.251 -0.666 1.00 0.00 ? 1 DAL A H2   6  
HETATM 317 H H    . DAL A 1 1 ? -3.912 -1.426 -2.353 1.00 0.00 ? 1 DAL A H    6  
HETATM 318 H H3   . DAL A 1 1 ? -2.649 -2.009 -1.383 1.00 0.00 ? 1 DAL A H3   6  
HETATM 319 H HA   . DAL A 1 1 ? -3.338 0.783  -2.038 1.00 0.00 ? 1 DAL A HA   6  
HETATM 320 H HB1  . DAL A 1 1 ? -0.736 0.719  -2.265 1.00 0.00 ? 1 DAL A HB1  6  
HETATM 321 H HB2  . DAL A 1 1 ? -1.714 -0.048 -3.516 1.00 0.00 ? 1 DAL A HB2  6  
ATOM   322 N N    . LEU A 1 2 ? -2.899 -0.032 0.817  1.00 0.00 ? 2 LEU A N    6  
ATOM   323 C CA   . LEU A 1 2 ? -2.591 0.340  2.191  1.00 0.00 ? 2 LEU A CA   6  
ATOM   324 C C    . LEU A 1 2 ? -1.193 -0.138 2.572  1.00 0.00 ? 2 LEU A C    6  
ATOM   325 O O    . LEU A 1 2 ? -0.524 0.468  3.409  1.00 0.00 ? 2 LEU A O    6  
ATOM   326 C CB   . LEU A 1 2 ? -3.616 -0.274 3.147  1.00 0.00 ? 2 LEU A CB   6  
ATOM   327 C CG   . LEU A 1 2 ? -4.984 0.377  2.919  1.00 0.00 ? 2 LEU A CG   6  
ATOM   328 C CD1  . LEU A 1 2 ? -5.616 -0.173 1.638  1.00 0.00 ? 2 LEU A CD1  6  
ATOM   329 C CD2  . LEU A 1 2 ? -5.895 0.071  4.109  1.00 0.00 ? 2 LEU A CD2  6  
ATOM   330 H H    . LEU A 1 2 ? -3.584 -0.711 0.643  1.00 0.00 ? 2 LEU A H    6  
ATOM   331 H HA   . LEU A 1 2 ? -2.629 1.415  2.282  1.00 0.00 ? 2 LEU A HA   6  
ATOM   332 H HB2  . LEU A 1 2 ? -3.686 -1.337 2.966  1.00 0.00 ? 2 LEU A HB2  6  
ATOM   333 H HB3  . LEU A 1 2 ? -3.305 -0.102 4.166  1.00 0.00 ? 2 LEU A HB3  6  
ATOM   334 H HG   . LEU A 1 2 ? -4.859 1.447  2.825  1.00 0.00 ? 2 LEU A HG   6  
ATOM   335 H HD11 . LEU A 1 2 ? -5.542 0.566  0.854  1.00 0.00 ? 2 LEU A HD11 6  
ATOM   336 H HD12 . LEU A 1 2 ? -6.655 -0.402 1.819  1.00 0.00 ? 2 LEU A HD12 6  
ATOM   337 H HD13 . LEU A 1 2 ? -5.099 -1.072 1.333  1.00 0.00 ? 2 LEU A HD13 6  
ATOM   338 H HD21 . LEU A 1 2 ? -6.920 0.015  3.773  1.00 0.00 ? 2 LEU A HD21 6  
ATOM   339 H HD22 . LEU A 1 2 ? -5.801 0.855  4.846  1.00 0.00 ? 2 LEU A HD22 6  
ATOM   340 H HD23 . LEU A 1 2 ? -5.607 -0.872 4.548  1.00 0.00 ? 2 LEU A HD23 6  
ATOM   341 N N    . GLY A 1 3 ? -0.760 -1.230 1.950  1.00 0.00 ? 3 GLY A N    6  
ATOM   342 C CA   . GLY A 1 3 ? 0.561  -1.783 2.229  1.00 0.00 ? 3 GLY A CA   6  
ATOM   343 C C    . GLY A 1 3 ? 1.535  -1.466 1.100  1.00 0.00 ? 3 GLY A C    6  
ATOM   344 O O    . GLY A 1 3 ? 2.751  -1.484 1.292  1.00 0.00 ? 3 GLY A O    6  
ATOM   345 H H    . GLY A 1 3 ? -1.337 -1.671 1.293  1.00 0.00 ? 3 GLY A H    6  
ATOM   346 H HA2  . GLY A 1 3 ? 0.936  -1.362 3.150  1.00 0.00 ? 3 GLY A HA2  6  
ATOM   347 H HA3  . GLY A 1 3 ? 0.481  -2.855 2.335  1.00 0.00 ? 3 GLY A HA3  6  
ATOM   348 N N    . CYS A 1 4 ? 0.994  -1.178 -0.081 1.00 0.00 ? 4 CYS A N    6  
ATOM   349 C CA   . CYS A 1 4 ? 1.828  -0.862 -1.234 1.00 0.00 ? 4 CYS A CA   6  
ATOM   350 C C    . CYS A 1 4 ? 2.251  0.605  -1.205 1.00 0.00 ? 4 CYS A C    6  
ATOM   351 O O    . CYS A 1 4 ? 3.136  1.019  -1.954 1.00 0.00 ? 4 CYS A O    6  
ATOM   352 C CB   . CYS A 1 4 ? 1.066  -1.154 -2.528 1.00 0.00 ? 4 CYS A CB   6  
ATOM   353 S SG   . CYS A 1 4 ? -0.623 -1.669 -2.130 1.00 0.00 ? 4 CYS A SG   6  
ATOM   354 H H    . CYS A 1 4 ? 0.018  -1.181 -0.177 1.00 0.00 ? 4 CYS A H    6  
ATOM   355 H HA   . CYS A 1 4 ? 2.713  -1.480 -1.206 1.00 0.00 ? 4 CYS A HA   6  
ATOM   356 H HB2  . CYS A 1 4 ? 1.035  -0.265 -3.139 1.00 0.00 ? 4 CYS A HB2  6  
ATOM   357 H HB3  . CYS A 1 4 ? 1.564  -1.945 -3.068 1.00 0.00 ? 4 CYS A HB3  6  
ATOM   358 N N    . THR A 1 5 ? 1.618  1.383  -0.335 1.00 0.00 ? 5 THR A N    6  
ATOM   359 C CA   . THR A 1 5 ? 1.940  2.801  -0.217 1.00 0.00 ? 5 THR A CA   6  
ATOM   360 C C    . THR A 1 5 ? 1.035  3.473  0.811  1.00 0.00 ? 5 THR A C    6  
ATOM   361 O O    . THR A 1 5 ? 1.446  4.480  1.362  1.00 0.00 ? 5 THR A O    6  
ATOM   362 C CB   . THR A 1 5 ? 1.776  3.492  -1.573 1.00 0.00 ? 5 THR A CB   6  
ATOM   363 O OG1  . THR A 1 5 ? 1.922  4.896  -1.408 1.00 0.00 ? 5 THR A OG1  6  
ATOM   364 C CG2  . THR A 1 5 ? 0.391  3.183  -2.140 1.00 0.00 ? 5 THR A CG2  6  
ATOM   365 O OXT  . THR A 1 5 ? -0.053 2.969  1.031  1.00 0.00 ? 5 THR A OXT  6  
ATOM   366 H H    . THR A 1 5 ? 0.921  0.999  0.238  1.00 0.00 ? 5 THR A H    6  
ATOM   367 H HA   . THR A 1 5 ? 2.967  2.901  0.102  1.00 0.00 ? 5 THR A HA   6  
ATOM   368 H HB   . THR A 1 5 ? 2.529  3.129  -2.256 1.00 0.00 ? 5 THR A HB   6  
ATOM   369 H HG1  . THR A 1 5 ? 1.181  5.324  -1.844 1.00 0.00 ? 5 THR A HG1  6  
ATOM   370 H HG21 . THR A 1 5 ? -0.049 4.089  -2.531 1.00 0.00 ? 5 THR A HG21 6  
ATOM   371 H HG22 . THR A 1 5 ? -0.239 2.786  -1.358 1.00 0.00 ? 5 THR A HG22 6  
ATOM   372 H HG23 . THR A 1 5 ? 0.480  2.456  -2.935 1.00 0.00 ? 5 THR A HG23 6  
HETATM 373 N N    . DAL A 1 1 ? -3.486 -1.165 -1.521 1.00 0.00 1 1 DAL A N    7  
HETATM 374 C CA   . DAL A 1 1 ? -2.655 0.065  -1.632 1.00 0.00 ? 1 DAL A CA   7  
HETATM 375 C CB   . DAL A 1 1 ? -1.410 -0.239 -2.464 1.00 0.00 ? 1 DAL A CB   7  
HETATM 376 C C    . DAL A 1 1 ? -2.238 0.524  -0.238 1.00 0.00 ? 1 DAL A C    7  
HETATM 377 O O    . DAL A 1 1 ? -1.356 1.367  -0.094 1.00 0.00 ? 1 DAL A O    7  
HETATM 378 H H2   . DAL A 1 1 ? -3.120 -1.890 -2.172 1.00 0.00 ? 1 DAL A H2   7  
HETATM 379 H H    . DAL A 1 1 ? -3.450 -1.522 -0.546 1.00 0.00 ? 1 DAL A H    7  
HETATM 380 H H3   . DAL A 1 1 ? -4.471 -0.942 -1.768 1.00 0.00 ? 1 DAL A H3   7  
HETATM 381 H HA   . DAL A 1 1 ? -3.226 0.845  -2.112 1.00 0.00 ? 1 DAL A HA   7  
HETATM 382 H HB1  . DAL A 1 1 ? -0.680 0.543  -2.319 1.00 0.00 ? 1 DAL A HB1  7  
HETATM 383 H HB2  . DAL A 1 1 ? -1.678 -0.295 -3.508 1.00 0.00 ? 1 DAL A HB2  7  
ATOM   384 N N    . LEU A 1 2 ? -2.874 -0.038 0.783  1.00 0.00 ? 2 LEU A N    7  
ATOM   385 C CA   . LEU A 1 2 ? -2.552 0.325  2.158  1.00 0.00 ? 2 LEU A CA   7  
ATOM   386 C C    . LEU A 1 2 ? -1.130 -0.107 2.503  1.00 0.00 ? 2 LEU A C    7  
ATOM   387 O O    . LEU A 1 2 ? -0.403 0.610  3.191  1.00 0.00 ? 2 LEU A O    7  
ATOM   388 C CB   . LEU A 1 2 ? -3.536 -0.332 3.135  1.00 0.00 ? 2 LEU A CB   7  
ATOM   389 C CG   . LEU A 1 2 ? -4.578 -1.150 2.367  1.00 0.00 ? 2 LEU A CG   7  
ATOM   390 C CD1  . LEU A 1 2 ? -3.949 -2.458 1.878  1.00 0.00 ? 2 LEU A CD1  7  
ATOM   391 C CD2  . LEU A 1 2 ? -5.749 -1.473 3.297  1.00 0.00 ? 2 LEU A CD2  7  
ATOM   392 H H    . LEU A 1 2 ? -3.565 -0.708 0.609  1.00 0.00 ? 2 LEU A H    7  
ATOM   393 H HA   . LEU A 1 2 ? -2.624 1.396  2.261  1.00 0.00 ? 2 LEU A HA   7  
ATOM   394 H HB2  . LEU A 1 2 ? -2.995 -0.984 3.807  1.00 0.00 ? 2 LEU A HB2  7  
ATOM   395 H HB3  . LEU A 1 2 ? -4.036 0.435  3.708  1.00 0.00 ? 2 LEU A HB3  7  
ATOM   396 H HG   . LEU A 1 2 ? -4.935 -0.581 1.522  1.00 0.00 ? 2 LEU A HG   7  
ATOM   397 H HD11 . LEU A 1 2 ? -4.708 -3.073 1.419  1.00 0.00 ? 2 LEU A HD11 7  
ATOM   398 H HD12 . LEU A 1 2 ? -3.518 -2.985 2.715  1.00 0.00 ? 2 LEU A HD12 7  
ATOM   399 H HD13 . LEU A 1 2 ? -3.177 -2.241 1.156  1.00 0.00 ? 2 LEU A HD13 7  
ATOM   400 H HD21 . LEU A 1 2 ? -6.389 -2.207 2.828  1.00 0.00 ? 2 LEU A HD21 7  
ATOM   401 H HD22 . LEU A 1 2 ? -6.315 -0.574 3.490  1.00 0.00 ? 2 LEU A HD22 7  
ATOM   402 H HD23 . LEU A 1 2 ? -5.371 -1.868 4.228  1.00 0.00 ? 2 LEU A HD23 7  
ATOM   403 N N    . GLY A 1 3 ? -0.738 -1.281 2.017  1.00 0.00 ? 3 GLY A N    7  
ATOM   404 C CA   . GLY A 1 3 ? 0.599  -1.797 2.281  1.00 0.00 ? 3 GLY A CA   7  
ATOM   405 C C    . GLY A 1 3 ? 1.489  -1.668 1.048  1.00 0.00 ? 3 GLY A C    7  
ATOM   406 O O    . GLY A 1 3 ? 2.620  -2.154 1.038  1.00 0.00 ? 3 GLY A O    7  
ATOM   407 H H    . GLY A 1 3 ? -1.360 -1.810 1.474  1.00 0.00 ? 3 GLY A H    7  
ATOM   408 H HA2  . GLY A 1 3 ? 1.039  -1.242 3.096  1.00 0.00 ? 3 GLY A HA2  7  
ATOM   409 H HA3  . GLY A 1 3 ? 0.529  -2.838 2.556  1.00 0.00 ? 3 GLY A HA3  7  
ATOM   410 N N    . CYS A 1 4 ? 0.973  -1.014 0.011  1.00 0.00 ? 4 CYS A N    7  
ATOM   411 C CA   . CYS A 1 4 ? 1.739  -0.836 -1.217 1.00 0.00 ? 4 CYS A CA   7  
ATOM   412 C C    . CYS A 1 4 ? 1.971  0.644  -1.508 1.00 0.00 ? 4 CYS A C    7  
ATOM   413 O O    . CYS A 1 4 ? 2.379  1.011  -2.611 1.00 0.00 ? 4 CYS A O    7  
ATOM   414 C CB   . CYS A 1 4 ? 1.006  -1.479 -2.394 1.00 0.00 ? 4 CYS A CB   7  
ATOM   415 S SG   . CYS A 1 4 ? -0.709 -1.821 -1.931 1.00 0.00 ? 4 CYS A SG   7  
ATOM   416 H H    . CYS A 1 4 ? 0.066  -0.648 0.073  1.00 0.00 ? 4 CYS A H    7  
ATOM   417 H HA   . CYS A 1 4 ? 2.696  -1.322 -1.098 1.00 0.00 ? 4 CYS A HA   7  
ATOM   418 H HB2  . CYS A 1 4 ? 1.022  -0.805 -3.239 1.00 0.00 ? 4 CYS A HB2  7  
ATOM   419 H HB3  . CYS A 1 4 ? 1.497  -2.402 -2.663 1.00 0.00 ? 4 CYS A HB3  7  
ATOM   420 N N    . THR A 1 5 ? 1.711  1.491  -0.517 1.00 0.00 ? 5 THR A N    7  
ATOM   421 C CA   . THR A 1 5 ? 1.899  2.927  -0.689 1.00 0.00 ? 5 THR A CA   7  
ATOM   422 C C    . THR A 1 5 ? 3.377  3.290  -0.586 1.00 0.00 ? 5 THR A C    7  
ATOM   423 O O    . THR A 1 5 ? 3.925  3.152  0.496  1.00 0.00 ? 5 THR A O    7  
ATOM   424 C CB   . THR A 1 5 ? 1.106  3.697  0.371  1.00 0.00 ? 5 THR A CB   7  
ATOM   425 O OG1  . THR A 1 5 ? -0.218 3.186  0.437  1.00 0.00 ? 5 THR A OG1  7  
ATOM   426 C CG2  . THR A 1 5 ? 1.063  5.180  0.003  1.00 0.00 ? 5 THR A CG2  7  
ATOM   427 O OXT  . THR A 1 5 ? 3.938  3.699  -1.588 1.00 0.00 ? 5 THR A OXT  7  
ATOM   428 H H    . THR A 1 5 ? 1.391  1.146  0.343  1.00 0.00 ? 5 THR A H    7  
ATOM   429 H HA   . THR A 1 5 ? 1.538  3.210  -1.668 1.00 0.00 ? 5 THR A HA   7  
ATOM   430 H HB   . THR A 1 5 ? 1.584  3.583  1.331  1.00 0.00 ? 5 THR A HB   7  
ATOM   431 H HG1  . THR A 1 5 ? -0.425 2.784  -0.409 1.00 0.00 ? 5 THR A HG1  7  
ATOM   432 H HG21 . THR A 1 5 ? 0.038  5.518  -0.013 1.00 0.00 ? 5 THR A HG21 7  
ATOM   433 H HG22 . THR A 1 5 ? 1.504  5.323  -0.974 1.00 0.00 ? 5 THR A HG22 7  
ATOM   434 H HG23 . THR A 1 5 ? 1.620  5.750  0.734  1.00 0.00 ? 5 THR A HG23 7  
HETATM 435 N N    . DAL A 1 1 ? -3.525 -1.045 -1.595 1.00 0.00 1 1 DAL A N    8  
HETATM 436 C CA   . DAL A 1 1 ? -2.644 0.157  -1.650 1.00 0.00 ? 1 DAL A CA   8  
HETATM 437 C CB   . DAL A 1 1 ? -1.379 -0.179 -2.440 1.00 0.00 ? 1 DAL A CB   8  
HETATM 438 C C    . DAL A 1 1 ? -2.279 0.581  -0.232 1.00 0.00 ? 1 DAL A C    8  
HETATM 439 O O    . DAL A 1 1 ? -1.479 1.495  -0.035 1.00 0.00 ? 1 DAL A O    8  
HETATM 440 H H2   . DAL A 1 1 ? -2.940 -1.905 -1.645 1.00 0.00 ? 1 DAL A H2   8  
HETATM 441 H H    . DAL A 1 1 ? -4.060 -1.042 -0.703 1.00 0.00 ? 1 DAL A H    8  
HETATM 442 H H3   . DAL A 1 1 ? -4.188 -1.028 -2.396 1.00 0.00 ? 1 DAL A H3   8  
HETATM 443 H HA   . DAL A 1 1 ? -3.171 0.963  -2.142 1.00 0.00 ? 1 DAL A HA   8  
HETATM 444 H HB1  . DAL A 1 1 ? -0.621 0.564  -2.239 1.00 0.00 ? 1 DAL A HB1  8  
HETATM 445 H HB2  . DAL A 1 1 ? -1.603 -0.187 -3.496 1.00 0.00 ? 1 DAL A HB2  8  
ATOM   446 N N    . LEU A 1 2 ? -2.870 -0.088 0.751  1.00 0.00 ? 2 LEU A N    8  
ATOM   447 C CA   . LEU A 1 2 ? -2.597 0.229  2.149  1.00 0.00 ? 2 LEU A CA   8  
ATOM   448 C C    . LEU A 1 2 ? -1.156 -0.114 2.505  1.00 0.00 ? 2 LEU A C    8  
ATOM   449 O O    . LEU A 1 2 ? -0.470 0.659  3.174  1.00 0.00 ? 2 LEU A O    8  
ATOM   450 C CB   . LEU A 1 2 ? -3.550 -0.551 3.059  1.00 0.00 ? 2 LEU A CB   8  
ATOM   451 C CG   . LEU A 1 2 ? -3.616 -2.012 2.602  1.00 0.00 ? 2 LEU A CG   8  
ATOM   452 C CD1  . LEU A 1 2 ? -3.072 -2.920 3.707  1.00 0.00 ? 2 LEU A CD1  8  
ATOM   453 C CD2  . LEU A 1 2 ? -5.069 -2.390 2.304  1.00 0.00 ? 2 LEU A CD2  8  
ATOM   454 H H    . LEU A 1 2 ? -3.500 -0.807 0.535  1.00 0.00 ? 2 LEU A H    8  
ATOM   455 H HA   . LEU A 1 2 ? -2.756 1.286  2.306  1.00 0.00 ? 2 LEU A HA   8  
ATOM   456 H HB2  . LEU A 1 2 ? -3.190 -0.507 4.077  1.00 0.00 ? 2 LEU A HB2  8  
ATOM   457 H HB3  . LEU A 1 2 ? -4.536 -0.115 3.006  1.00 0.00 ? 2 LEU A HB3  8  
ATOM   458 H HG   . LEU A 1 2 ? -3.019 -2.138 1.709  1.00 0.00 ? 2 LEU A HG   8  
ATOM   459 H HD11 . LEU A 1 2 ? -3.305 -3.948 3.475  1.00 0.00 ? 2 LEU A HD11 8  
ATOM   460 H HD12 . LEU A 1 2 ? -3.528 -2.651 4.649  1.00 0.00 ? 2 LEU A HD12 8  
ATOM   461 H HD13 . LEU A 1 2 ? -2.001 -2.800 3.778  1.00 0.00 ? 2 LEU A HD13 8  
ATOM   462 H HD21 . LEU A 1 2 ? -5.657 -2.295 3.205  1.00 0.00 ? 2 LEU A HD21 8  
ATOM   463 H HD22 . LEU A 1 2 ? -5.111 -3.411 1.953  1.00 0.00 ? 2 LEU A HD22 8  
ATOM   464 H HD23 . LEU A 1 2 ? -5.464 -1.732 1.545  1.00 0.00 ? 2 LEU A HD23 8  
ATOM   465 N N    . GLY A 1 3 ? -0.700 -1.278 2.052  1.00 0.00 ? 3 GLY A N    8  
ATOM   466 C CA   . GLY A 1 3 ? 0.663  -1.716 2.329  1.00 0.00 ? 3 GLY A CA   8  
ATOM   467 C C    . GLY A 1 3 ? 1.550  -1.562 1.097  1.00 0.00 ? 3 GLY A C    8  
ATOM   468 O O    . GLY A 1 3 ? 2.745  -1.857 1.141  1.00 0.00 ? 3 GLY A O    8  
ATOM   469 H H    . GLY A 1 3 ? -1.291 -1.853 1.524  1.00 0.00 ? 3 GLY A H    8  
ATOM   470 H HA2  . GLY A 1 3 ? 1.070  -1.121 3.136  1.00 0.00 ? 3 GLY A HA2  8  
ATOM   471 H HA3  . GLY A 1 3 ? 0.649  -2.753 2.625  1.00 0.00 ? 3 GLY A HA3  8  
ATOM   472 N N    . CYS A 1 4 ? 0.961  -1.099 0.000  1.00 0.00 ? 4 CYS A N    8  
ATOM   473 C CA   . CYS A 1 4 ? 1.711  -0.913 -1.236 1.00 0.00 ? 4 CYS A CA   8  
ATOM   474 C C    . CYS A 1 4 ? 1.920  0.571  -1.519 1.00 0.00 ? 4 CYS A C    8  
ATOM   475 O O    . CYS A 1 4 ? 1.317  1.427  -0.870 1.00 0.00 ? 4 CYS A O    8  
ATOM   476 C CB   . CYS A 1 4 ? 0.960  -1.555 -2.405 1.00 0.00 ? 4 CYS A CB   8  
ATOM   477 S SG   . CYS A 1 4 ? -0.770 -1.809 -1.943 1.00 0.00 ? 4 CYS A SG   8  
ATOM   478 H H    . CYS A 1 4 ? 0.005  -0.881 0.022  1.00 0.00 ? 4 CYS A H    8  
ATOM   479 H HA   . CYS A 1 4 ? 2.675  -1.390 -1.137 1.00 0.00 ? 4 CYS A HA   8  
ATOM   480 H HB2  . CYS A 1 4 ? 1.012  -0.905 -3.266 1.00 0.00 ? 4 CYS A HB2  8  
ATOM   481 H HB3  . CYS A 1 4 ? 1.413  -2.506 -2.645 1.00 0.00 ? 4 CYS A HB3  8  
ATOM   482 N N    . THR A 1 5 ? 2.778  0.869  -2.491 1.00 0.00 ? 5 THR A N    8  
ATOM   483 C CA   . THR A 1 5 ? 3.057  2.256  -2.851 1.00 0.00 ? 5 THR A CA   8  
ATOM   484 C C    . THR A 1 5 ? 1.973  2.792  -3.780 1.00 0.00 ? 5 THR A C    8  
ATOM   485 O O    . THR A 1 5 ? 1.612  3.949  -3.631 1.00 0.00 ? 5 THR A O    8  
ATOM   486 C CB   . THR A 1 5 ? 4.419  2.354  -3.540 1.00 0.00 ? 5 THR A CB   8  
ATOM   487 O OG1  . THR A 1 5 ? 4.405  1.578  -4.729 1.00 0.00 ? 5 THR A OG1  8  
ATOM   488 C CG2  . THR A 1 5 ? 5.508  1.834  -2.600 1.00 0.00 ? 5 THR A CG2  8  
ATOM   489 O OXT  . THR A 1 5 ? 1.520  2.040  -4.626 1.00 0.00 ? 5 THR A OXT  8  
ATOM   490 H H    . THR A 1 5 ? 3.228  0.146  -2.974 1.00 0.00 ? 5 THR A H    8  
ATOM   491 H HA   . THR A 1 5 ? 3.076  2.853  -1.952 1.00 0.00 ? 5 THR A HA   8  
ATOM   492 H HB   . THR A 1 5 ? 4.625  3.384  -3.784 1.00 0.00 ? 5 THR A HB   8  
ATOM   493 H HG1  . THR A 1 5 ? 4.621  0.672  -4.496 1.00 0.00 ? 5 THR A HG1  8  
ATOM   494 H HG21 . THR A 1 5 ? 6.356  1.501  -3.182 1.00 0.00 ? 5 THR A HG21 8  
ATOM   495 H HG22 . THR A 1 5 ? 5.121  1.006  -2.025 1.00 0.00 ? 5 THR A HG22 8  
ATOM   496 H HG23 . THR A 1 5 ? 5.816  2.624  -1.932 1.00 0.00 ? 5 THR A HG23 8  
HETATM 497 N N    . DAL A 1 1 ? -3.753 -0.630 -1.875 1.00 0.00 1 1 DAL A N    9  
HETATM 498 C CA   . DAL A 1 1 ? -2.766 0.475  -1.712 1.00 0.00 ? 1 DAL A CA   9  
HETATM 499 C CB   . DAL A 1 1 ? -1.431 0.057  -2.332 1.00 0.00 ? 1 DAL A CB   9  
HETATM 500 C C    . DAL A 1 1 ? -2.576 0.775  -0.230 1.00 0.00 ? 1 DAL A C    9  
HETATM 501 O O    . DAL A 1 1 ? -2.226 1.893  0.146  1.00 0.00 ? 1 DAL A O    9  
HETATM 502 H H2   . DAL A 1 1 ? -3.575 -1.362 -1.157 1.00 0.00 ? 1 DAL A H2   9  
HETATM 503 H H    . DAL A 1 1 ? -4.715 -0.255 -1.755 1.00 0.00 ? 1 DAL A H    9  
HETATM 504 H H3   . DAL A 1 1 ? -3.659 -1.042 -2.823 1.00 0.00 ? 1 DAL A H3   9  
HETATM 505 H HA   . DAL A 1 1 ? -3.131 1.359  -2.213 1.00 0.00 ? 1 DAL A HA   9  
HETATM 506 H HB1  . DAL A 1 1 ? -0.667 0.773  -2.063 1.00 0.00 ? 1 DAL A HB1  9  
HETATM 507 H HB2  . DAL A 1 1 ? -1.528 0.021  -3.408 1.00 0.00 ? 1 DAL A HB2  9  
ATOM   508 N N    . LEU A 1 2 ? -2.803 -0.231 0.608  1.00 0.00 ? 2 LEU A N    9  
ATOM   509 C CA   . LEU A 1 2 ? -2.644 -0.060 2.047  1.00 0.00 ? 2 LEU A CA   9  
ATOM   510 C C    . LEU A 1 2 ? -1.169 -0.139 2.424  1.00 0.00 ? 2 LEU A C    9  
ATOM   511 O O    . LEU A 1 2 ? -0.592 0.828  2.924  1.00 0.00 ? 2 LEU A O    9  
ATOM   512 C CB   . LEU A 1 2 ? -3.424 -1.142 2.800  1.00 0.00 ? 2 LEU A CB   9  
ATOM   513 C CG   . LEU A 1 2 ? -4.702 -1.486 2.031  1.00 0.00 ? 2 LEU A CG   9  
ATOM   514 C CD1  . LEU A 1 2 ? -5.384 -2.689 2.688  1.00 0.00 ? 2 LEU A CD1  9  
ATOM   515 C CD2  . LEU A 1 2 ? -5.654 -0.286 2.052  1.00 0.00 ? 2 LEU A CD2  9  
ATOM   516 H H    . LEU A 1 2 ? -3.075 -1.103 0.254  1.00 0.00 ? 2 LEU A H    9  
ATOM   517 H HA   . LEU A 1 2 ? -3.027 0.909  2.330  1.00 0.00 ? 2 LEU A HA   9  
ATOM   518 H HB2  . LEU A 1 2 ? -2.810 -2.027 2.895  1.00 0.00 ? 2 LEU A HB2  9  
ATOM   519 H HB3  . LEU A 1 2 ? -3.685 -0.779 3.783  1.00 0.00 ? 2 LEU A HB3  9  
ATOM   520 H HG   . LEU A 1 2 ? -4.452 -1.731 1.009  1.00 0.00 ? 2 LEU A HG   9  
ATOM   521 H HD11 . LEU A 1 2 ? -5.864 -2.375 3.604  1.00 0.00 ? 2 LEU A HD11 9  
ATOM   522 H HD12 . LEU A 1 2 ? -4.646 -3.445 2.908  1.00 0.00 ? 2 LEU A HD12 9  
ATOM   523 H HD13 . LEU A 1 2 ? -6.126 -3.095 2.015  1.00 0.00 ? 2 LEU A HD13 9  
ATOM   524 H HD21 . LEU A 1 2 ? -5.177 0.545  2.550  1.00 0.00 ? 2 LEU A HD21 9  
ATOM   525 H HD22 . LEU A 1 2 ? -6.558 -0.551 2.582  1.00 0.00 ? 2 LEU A HD22 9  
ATOM   526 H HD23 . LEU A 1 2 ? -5.901 -0.005 1.039  1.00 0.00 ? 2 LEU A HD23 9  
ATOM   527 N N    . GLY A 1 3 ? -0.562 -1.292 2.168  1.00 0.00 ? 3 GLY A N    9  
ATOM   528 C CA   . GLY A 1 3 ? 0.850  -1.486 2.473  1.00 0.00 ? 3 GLY A CA   9  
ATOM   529 C C    . GLY A 1 3 ? 1.683  -1.435 1.197  1.00 0.00 ? 3 GLY A C    9  
ATOM   530 O O    . GLY A 1 3 ? 2.906  -1.572 1.235  1.00 0.00 ? 3 GLY A O    9  
ATOM   531 H H    . GLY A 1 3 ? -1.071 -2.024 1.762  1.00 0.00 ? 3 GLY A H    9  
ATOM   532 H HA2  . GLY A 1 3 ? 1.179  -0.707 3.147  1.00 0.00 ? 3 GLY A HA2  9  
ATOM   533 H HA3  . GLY A 1 3 ? 0.985  -2.447 2.945  1.00 0.00 ? 3 GLY A HA3  9  
ATOM   534 N N    . CYS A 1 4 ? 1.009  -1.238 0.067  1.00 0.00 ? 4 CYS A N    9  
ATOM   535 C CA   . CYS A 1 4 ? 1.692  -1.172 -1.218 1.00 0.00 ? 4 CYS A CA   9  
ATOM   536 C C    . CYS A 1 4 ? 2.214  0.238  -1.476 1.00 0.00 ? 4 CYS A C    9  
ATOM   537 O O    . CYS A 1 4 ? 1.526  1.223  -1.214 1.00 0.00 ? 4 CYS A O    9  
ATOM   538 C CB   . CYS A 1 4 ? 0.735  -1.578 -2.341 1.00 0.00 ? 4 CYS A CB   9  
ATOM   539 S SG   . CYS A 1 4 ? -0.964 -1.578 -1.715 1.00 0.00 ? 4 CYS A SG   9  
ATOM   540 H H    . CYS A 1 4 ? 0.034  -1.138 0.102  1.00 0.00 ? 4 CYS A H    9  
ATOM   541 H HA   . CYS A 1 4 ? 2.525  -1.857 -1.208 1.00 0.00 ? 4 CYS A HA   9  
ATOM   542 H HB2  . CYS A 1 4 ? 0.817  -0.875 -3.156 1.00 0.00 ? 4 CYS A HB2  9  
ATOM   543 H HB3  . CYS A 1 4 ? 0.988  -2.568 -2.692 1.00 0.00 ? 4 CYS A HB3  9  
ATOM   544 N N    . THR A 1 5 ? 3.436  0.324  -1.991 1.00 0.00 ? 5 THR A N    9  
ATOM   545 C CA   . THR A 1 5 ? 4.042  1.618  -2.281 1.00 0.00 ? 5 THR A CA   9  
ATOM   546 C C    . THR A 1 5 ? 3.243  2.357  -3.350 1.00 0.00 ? 5 THR A C    9  
ATOM   547 O O    . THR A 1 5 ? 3.435  2.059  -4.517 1.00 0.00 ? 5 THR A O    9  
ATOM   548 C CB   . THR A 1 5 ? 5.484  1.423  -2.760 1.00 0.00 ? 5 THR A CB   9  
ATOM   549 O OG1  . THR A 1 5 ? 5.723  0.039  -2.980 1.00 0.00 ? 5 THR A OG1  9  
ATOM   550 C CG2  . THR A 1 5 ? 6.455  1.947  -1.699 1.00 0.00 ? 5 THR A CG2  9  
ATOM   551 O OXT  . THR A 1 5 ? 2.451  3.210  -2.985 1.00 0.00 ? 5 THR A OXT  9  
ATOM   552 H H    . THR A 1 5 ? 3.939  -0.495 -2.180 1.00 0.00 ? 5 THR A H    9  
ATOM   553 H HA   . THR A 1 5 ? 4.051  2.211  -1.379 1.00 0.00 ? 5 THR A HA   9  
ATOM   554 H HB   . THR A 1 5 ? 5.635  1.965  -3.679 1.00 0.00 ? 5 THR A HB   9  
ATOM   555 H HG1  . THR A 1 5 ? 4.981  -0.315 -3.476 1.00 0.00 ? 5 THR A HG1  9  
ATOM   556 H HG21 . THR A 1 5 ? 7.468  1.841  -2.055 1.00 0.00 ? 5 THR A HG21 9  
ATOM   557 H HG22 . THR A 1 5 ? 6.331  1.379  -0.788 1.00 0.00 ? 5 THR A HG22 9  
ATOM   558 H HG23 . THR A 1 5 ? 6.246  2.988  -1.505 1.00 0.00 ? 5 THR A HG23 9  
HETATM 559 N N    . DAL A 1 1 ? -3.434 -1.128 -1.560 1.00 0.00 1 1 DAL A N    10 
HETATM 560 C CA   . DAL A 1 1 ? -2.644 0.134  -1.616 1.00 0.00 ? 1 DAL A CA   10 
HETATM 561 C CB   . DAL A 1 1 ? -1.384 -0.091 -2.452 1.00 0.00 ? 1 DAL A CB   10 
HETATM 562 C C    . DAL A 1 1 ? -2.261 0.553  -0.200 1.00 0.00 ? 1 DAL A C    10 
HETATM 563 O O    . DAL A 1 1 ? -1.405 1.416  -0.007 1.00 0.00 ? 1 DAL A O    10 
HETATM 564 H H2   . DAL A 1 1 ? -3.667 -1.433 -2.527 1.00 0.00 ? 1 DAL A H2   10 
HETATM 565 H H    . DAL A 1 1 ? -2.876 -1.867 -1.088 1.00 0.00 ? 1 DAL A H    10 
HETATM 566 H H3   . DAL A 1 1 ? -4.310 -0.965 -1.026 1.00 0.00 ? 1 DAL A H3   10 
HETATM 567 H HA   . DAL A 1 1 ? -3.242 0.911  -2.069 1.00 0.00 ? 1 DAL A HA   10 
HETATM 568 H HB1  . DAL A 1 1 ? -0.654 0.670  -2.216 1.00 0.00 ? 1 DAL A HB1  10 
HETATM 569 H HB2  . DAL A 1 1 ? -1.634 -0.038 -3.501 1.00 0.00 ? 1 DAL A HB2  10 
ATOM   570 N N    . LEU A 1 2 ? -2.906 -0.061 0.787  1.00 0.00 ? 2 LEU A N    10 
ATOM   571 C CA   . LEU A 1 2 ? -2.627 0.257  2.182  1.00 0.00 ? 2 LEU A CA   10 
ATOM   572 C C    . LEU A 1 2 ? -1.200 -0.133 2.553  1.00 0.00 ? 2 LEU A C    10 
ATOM   573 O O    . LEU A 1 2 ? -0.541 0.556  3.330  1.00 0.00 ? 2 LEU A O    10 
ATOM   574 C CB   . LEU A 1 2 ? -3.613 -0.482 3.089  1.00 0.00 ? 2 LEU A CB   10 
ATOM   575 C CG   . LEU A 1 2 ? -4.950 0.261  3.102  1.00 0.00 ? 2 LEU A CG   10 
ATOM   576 C CD1  . LEU A 1 2 ? -6.064 -0.701 3.518  1.00 0.00 ? 2 LEU A CD1  10 
ATOM   577 C CD2  . LEU A 1 2 ? -4.879 1.420  4.098  1.00 0.00 ? 2 LEU A CD2  10 
ATOM   578 H H    . LEU A 1 2 ? -3.579 -0.738 0.571  1.00 0.00 ? 2 LEU A H    10 
ATOM   579 H HA   . LEU A 1 2 ? -2.750 1.320  2.330  1.00 0.00 ? 2 LEU A HA   10 
ATOM   580 H HB2  . LEU A 1 2 ? -3.761 -1.485 2.718  1.00 0.00 ? 2 LEU A HB2  10 
ATOM   581 H HB3  . LEU A 1 2 ? -3.217 -0.522 4.093  1.00 0.00 ? 2 LEU A HB3  10 
ATOM   582 H HG   . LEU A 1 2 ? -5.157 0.644  2.113  1.00 0.00 ? 2 LEU A HG   10 
ATOM   583 H HD11 . LEU A 1 2 ? -7.024 -0.239 3.342  1.00 0.00 ? 2 LEU A HD11 10 
ATOM   584 H HD12 . LEU A 1 2 ? -5.964 -0.936 4.568  1.00 0.00 ? 2 LEU A HD12 10 
ATOM   585 H HD13 . LEU A 1 2 ? -5.991 -1.610 2.938  1.00 0.00 ? 2 LEU A HD13 10 
ATOM   586 H HD21 . LEU A 1 2 ? -4.275 2.214  3.683  1.00 0.00 ? 2 LEU A HD21 10 
ATOM   587 H HD22 . LEU A 1 2 ? -4.434 1.075  5.020  1.00 0.00 ? 2 LEU A HD22 10 
ATOM   588 H HD23 . LEU A 1 2 ? -5.875 1.789  4.294  1.00 0.00 ? 2 LEU A HD23 10 
ATOM   589 N N    . GLY A 1 3 ? -0.730 -1.244 1.994  1.00 0.00 ? 3 GLY A N    10 
ATOM   590 C CA   . GLY A 1 3 ? 0.622  -1.715 2.278  1.00 0.00 ? 3 GLY A CA   10 
ATOM   591 C C    . GLY A 1 3 ? 1.560  -1.412 1.114  1.00 0.00 ? 3 GLY A C    10 
ATOM   592 O O    . GLY A 1 3 ? 2.778  -1.357 1.286  1.00 0.00 ? 3 GLY A O    10 
ATOM   593 H H    . GLY A 1 3 ? -1.301 -1.756 1.383  1.00 0.00 ? 3 GLY A H    10 
ATOM   594 H HA2  . GLY A 1 3 ? 0.988  -1.225 3.169  1.00 0.00 ? 3 GLY A HA2  10 
ATOM   595 H HA3  . GLY A 1 3 ? 0.598  -2.782 2.443  1.00 0.00 ? 3 GLY A HA3  10 
ATOM   596 N N    . CYS A 1 4 ? 0.986  -1.217 -0.067 1.00 0.00 ? 4 CYS A N    10 
ATOM   597 C CA   . CYS A 1 4 ? 1.782  -0.920 -1.253 1.00 0.00 ? 4 CYS A CA   10 
ATOM   598 C C    . CYS A 1 4 ? 2.099  0.571  -1.328 1.00 0.00 ? 4 CYS A C    10 
ATOM   599 O O    . CYS A 1 4 ? 1.210  1.412  -1.185 1.00 0.00 ? 4 CYS A O    10 
ATOM   600 C CB   . CYS A 1 4 ? 1.022  -1.346 -2.510 1.00 0.00 ? 4 CYS A CB   10 
ATOM   601 S SG   . CYS A 1 4 ? -0.695 -1.723 -2.079 1.00 0.00 ? 4 CYS A SG   10 
ATOM   602 H H    . CYS A 1 4 ? 0.011  -1.273 -0.145 1.00 0.00 ? 4 CYS A H    10 
ATOM   603 H HA   . CYS A 1 4 ? 2.708  -1.473 -1.202 1.00 0.00 ? 4 CYS A HA   10 
ATOM   604 H HB2  . CYS A 1 4 ? 1.044  -0.546 -3.235 1.00 0.00 ? 4 CYS A HB2  10 
ATOM   605 H HB3  . CYS A 1 4 ? 1.488  -2.225 -2.932 1.00 0.00 ? 4 CYS A HB3  10 
ATOM   606 N N    . THR A 1 5 ? 3.369  0.891  -1.555 1.00 0.00 ? 5 THR A N    10 
ATOM   607 C CA   . THR A 1 5 ? 3.792  2.285  -1.647 1.00 0.00 ? 5 THR A CA   10 
ATOM   608 C C    . THR A 1 5 ? 5.206  2.379  -2.211 1.00 0.00 ? 5 THR A C    10 
ATOM   609 O O    . THR A 1 5 ? 5.341  2.757  -3.362 1.00 0.00 ? 5 THR A O    10 
ATOM   610 C CB   . THR A 1 5 ? 3.744  2.939  -0.263 1.00 0.00 ? 5 THR A CB   10 
ATOM   611 O OG1  . THR A 1 5 ? 3.205  2.021  0.676  1.00 0.00 ? 5 THR A OG1  10 
ATOM   612 C CG2  . THR A 1 5 ? 2.868  4.194  -0.315 1.00 0.00 ? 5 THR A CG2  10 
ATOM   613 O OXT  . THR A 1 5 ? 6.134  2.070  -1.481 1.00 0.00 ? 5 THR A OXT  10 
ATOM   614 H H    . THR A 1 5 ? 4.033  0.178  -1.661 1.00 0.00 ? 5 THR A H    10 
ATOM   615 H HA   . THR A 1 5 ? 3.117  2.811  -2.306 1.00 0.00 ? 5 THR A HA   10 
ATOM   616 H HB   . THR A 1 5 ? 4.743  3.218  0.038  1.00 0.00 ? 5 THR A HB   10 
ATOM   617 H HG1  . THR A 1 5 ? 3.654  2.155  1.515  1.00 0.00 ? 5 THR A HG1  10 
ATOM   618 H HG21 . THR A 1 5 ? 1.827  3.906  -0.289 1.00 0.00 ? 5 THR A HG21 10 
ATOM   619 H HG22 . THR A 1 5 ? 3.069  4.736  -1.228 1.00 0.00 ? 5 THR A HG22 10 
ATOM   620 H HG23 . THR A 1 5 ? 3.090  4.823  0.533  1.00 0.00 ? 5 THR A HG23 10 
HETATM 621 N N    . DAL A 1 1 ? -3.678 -0.859 -1.709 1.00 0.00 1 1 DAL A N    11 
HETATM 622 C CA   . DAL A 1 1 ? -2.754 0.309  -1.701 1.00 0.00 ? 1 DAL A CA   11 
HETATM 623 C CB   . DAL A 1 1 ? -1.458 -0.065 -2.425 1.00 0.00 ? 1 DAL A CB   11 
HETATM 624 C C    . DAL A 1 1 ? -2.449 0.704  -0.260 1.00 0.00 ? 1 DAL A C    11 
HETATM 625 O O    . DAL A 1 1 ? -1.883 1.765  -0.003 1.00 0.00 ? 1 DAL A O    11 
HETATM 626 H H2   . DAL A 1 1 ? -3.523 -1.418 -2.574 1.00 0.00 ? 1 DAL A H2   11 
HETATM 627 H H    . DAL A 1 1 ? -3.496 -1.453 -0.876 1.00 0.00 ? 1 DAL A H    11 
HETATM 628 H H3   . DAL A 1 1 ? -4.662 -0.524 -1.683 1.00 0.00 ? 1 DAL A H3   11 
HETATM 629 H HA   . DAL A 1 1 ? -3.221 1.139  -2.208 1.00 0.00 ? 1 DAL A HA   11 
HETATM 630 H HB1  . DAL A 1 1 ? -0.710 0.692  -2.239 1.00 0.00 ? 1 DAL A HB1  11 
HETATM 631 H HB2  . DAL A 1 1 ? -1.645 -0.135 -3.486 1.00 0.00 ? 1 DAL A HB2  11 
ATOM   632 N N    . LEU A 1 2 ? -2.833 -0.158 0.676  1.00 0.00 ? 2 LEU A N    11 
ATOM   633 C CA   . LEU A 1 2 ? -2.598 0.113  2.090  1.00 0.00 ? 2 LEU A CA   11 
ATOM   634 C C    . LEU A 1 2 ? -1.133 -0.119 2.446  1.00 0.00 ? 2 LEU A C    11 
ATOM   635 O O    . LEU A 1 2 ? -0.474 0.758  3.004  1.00 0.00 ? 2 LEU A O    11 
ATOM   636 C CB   . LEU A 1 2 ? -3.485 -0.793 2.949  1.00 0.00 ? 2 LEU A CB   11 
ATOM   637 C CG   . LEU A 1 2 ? -4.946 -0.624 2.528  1.00 0.00 ? 2 LEU A CG   11 
ATOM   638 C CD1  . LEU A 1 2 ? -5.830 -1.556 3.361  1.00 0.00 ? 2 LEU A CD1  11 
ATOM   639 C CD2  . LEU A 1 2 ? -5.378 0.826  2.757  1.00 0.00 ? 2 LEU A CD2  11 
ATOM   640 H H    . LEU A 1 2 ? -3.282 -0.988 0.412  1.00 0.00 ? 2 LEU A H    11 
ATOM   641 H HA   . LEU A 1 2 ? -2.850 1.142  2.297  1.00 0.00 ? 2 LEU A HA   11 
ATOM   642 H HB2  . LEU A 1 2 ? -3.187 -1.822 2.814  1.00 0.00 ? 2 LEU A HB2  11 
ATOM   643 H HB3  . LEU A 1 2 ? -3.378 -0.520 3.988  1.00 0.00 ? 2 LEU A HB3  11 
ATOM   644 H HG   . LEU A 1 2 ? -5.050 -0.872 1.481  1.00 0.00 ? 2 LEU A HG   11 
ATOM   645 H HD11 . LEU A 1 2 ? -6.861 -1.434 3.063  1.00 0.00 ? 2 LEU A HD11 11 
ATOM   646 H HD12 . LEU A 1 2 ? -5.725 -1.310 4.407  1.00 0.00 ? 2 LEU A HD12 11 
ATOM   647 H HD13 . LEU A 1 2 ? -5.527 -2.580 3.199  1.00 0.00 ? 2 LEU A HD13 11 
ATOM   648 H HD21 . LEU A 1 2 ? -4.938 1.192  3.673  1.00 0.00 ? 2 LEU A HD21 11 
ATOM   649 H HD22 . LEU A 1 2 ? -6.455 0.873  2.831  1.00 0.00 ? 2 LEU A HD22 11 
ATOM   650 H HD23 . LEU A 1 2 ? -5.046 1.436  1.930  1.00 0.00 ? 2 LEU A HD23 11 
ATOM   651 N N    . GLY A 1 3 ? -0.629 -1.306 2.120  1.00 0.00 ? 3 GLY A N    11 
ATOM   652 C CA   . GLY A 1 3 ? 0.761  -1.639 2.413  1.00 0.00 ? 3 GLY A CA   11 
ATOM   653 C C    . GLY A 1 3 ? 1.626  -1.523 1.163  1.00 0.00 ? 3 GLY A C    11 
ATOM   654 O O    . GLY A 1 3 ? 2.834  -1.751 1.209  1.00 0.00 ? 3 GLY A O    11 
ATOM   655 H H    . GLY A 1 3 ? -1.200 -1.967 1.677  1.00 0.00 ? 3 GLY A H    11 
ATOM   656 H HA2  . GLY A 1 3 ? 1.137  -0.963 3.169  1.00 0.00 ? 3 GLY A HA2  11 
ATOM   657 H HA3  . GLY A 1 3 ? 0.812  -2.651 2.785  1.00 0.00 ? 3 GLY A HA3  11 
ATOM   658 N N    . CYS A 1 4 ? 0.998  -1.168 0.047  1.00 0.00 ? 4 CYS A N    11 
ATOM   659 C CA   . CYS A 1 4 ? 1.723  -1.025 -1.211 1.00 0.00 ? 4 CYS A CA   11 
ATOM   660 C C    . CYS A 1 4 ? 2.127  0.428  -1.436 1.00 0.00 ? 4 CYS A C    11 
ATOM   661 O O    . CYS A 1 4 ? 2.839  0.743  -2.390 1.00 0.00 ? 4 CYS A O    11 
ATOM   662 C CB   . CYS A 1 4 ? 0.848  -1.499 -2.373 1.00 0.00 ? 4 CYS A CB   11 
ATOM   663 S SG   . CYS A 1 4 ? -0.865 -1.662 -1.811 1.00 0.00 ? 4 CYS A SG   11 
ATOM   664 H H    . CYS A 1 4 ? 0.034  -0.999 0.068  1.00 0.00 ? 4 CYS A H    11 
ATOM   665 H HA   . CYS A 1 4 ? 2.611  -1.635 -1.174 1.00 0.00 ? 4 CYS A HA   11 
ATOM   666 H HB2  . CYS A 1 4 ? 0.896  -0.779 -3.177 1.00 0.00 ? 4 CYS A HB2  11 
ATOM   667 H HB3  . CYS A 1 4 ? 1.203  -2.456 -2.726 1.00 0.00 ? 4 CYS A HB3  11 
ATOM   668 N N    . THR A 1 5 ? 1.672  1.307  -0.550 1.00 0.00 ? 5 THR A N    11 
ATOM   669 C CA   . THR A 1 5 ? 1.993  2.725  -0.662 1.00 0.00 ? 5 THR A CA   11 
ATOM   670 C C    . THR A 1 5 ? 1.393  3.502  0.506  1.00 0.00 ? 5 THR A C    11 
ATOM   671 O O    . THR A 1 5 ? 0.405  3.040  1.054  1.00 0.00 ? 5 THR A O    11 
ATOM   672 C CB   . THR A 1 5 ? 1.452  3.283  -1.979 1.00 0.00 ? 5 THR A CB   11 
ATOM   673 O OG1  . THR A 1 5 ? 1.263  2.219  -2.901 1.00 0.00 ? 5 THR A OG1  11 
ATOM   674 C CG2  . THR A 1 5 ? 2.449  4.290  -2.556 1.00 0.00 ? 5 THR A CG2  11 
ATOM   675 O OXT  . THR A 1 5 ? 1.930  4.547  0.837  1.00 0.00 ? 5 THR A OXT  11 
ATOM   676 H H    . THR A 1 5 ? 1.110  0.997  0.190  1.00 0.00 ? 5 THR A H    11 
ATOM   677 H HA   . THR A 1 5 ? 3.066  2.844  -0.647 1.00 0.00 ? 5 THR A HA   11 
ATOM   678 H HB   . THR A 1 5 ? 0.510  3.779  -1.803 1.00 0.00 ? 5 THR A HB   11 
ATOM   679 H HG1  . THR A 1 5 ? 0.323  2.150  -3.086 1.00 0.00 ? 5 THR A HG1  11 
ATOM   680 H HG21 . THR A 1 5 ? 3.260  3.759  -3.037 1.00 0.00 ? 5 THR A HG21 11 
ATOM   681 H HG22 . THR A 1 5 ? 2.844  4.903  -1.761 1.00 0.00 ? 5 THR A HG22 11 
ATOM   682 H HG23 . THR A 1 5 ? 1.950  4.916  -3.281 1.00 0.00 ? 5 THR A HG23 11 
HETATM 683 N N    . DAL A 1 1 ? -3.172 -1.490 -1.498 1.00 0.00 1 1 DAL A N    12 
HETATM 684 C CA   . DAL A 1 1 ? -2.548 -0.138 -1.482 1.00 0.00 ? 1 DAL A CA   12 
HETATM 685 C CB   . DAL A 1 1 ? -1.386 -0.104 -2.476 1.00 0.00 ? 1 DAL A CB   12 
HETATM 686 C C    . DAL A 1 1 ? -2.038 0.167  -0.077 1.00 0.00 ? 1 DAL A C    12 
HETATM 687 O O    . DAL A 1 1 ? -0.838 0.358  0.130  1.00 0.00 ? 1 DAL A O    12 
HETATM 688 H H2   . DAL A 1 1 ? -3.848 -1.568 -0.710 1.00 0.00 ? 1 DAL A H2   12 
HETATM 689 H H    . DAL A 1 1 ? -3.670 -1.632 -2.400 1.00 0.00 ? 1 DAL A H    12 
HETATM 690 H H3   . DAL A 1 1 ? -2.434 -2.215 -1.394 1.00 0.00 ? 1 DAL A H3   12 
HETATM 691 H HA   . DAL A 1 1 ? -3.283 0.601  -1.765 1.00 0.00 ? 1 DAL A HA   12 
HETATM 692 H HB1  . DAL A 1 1 ? -0.739 0.728  -2.242 1.00 0.00 ? 1 DAL A HB1  12 
HETATM 693 H HB2  . DAL A 1 1 ? -1.772 0.010  -3.478 1.00 0.00 ? 1 DAL A HB2  12 
ATOM   694 N N    . LEU A 1 2 ? -2.955 0.213  0.883  1.00 0.00 ? 2 LEU A N    12 
ATOM   695 C CA   . LEU A 1 2 ? -2.584 0.496  2.265  1.00 0.00 ? 2 LEU A CA   12 
ATOM   696 C C    . LEU A 1 2 ? -1.245 -0.150 2.603  1.00 0.00 ? 2 LEU A C    12 
ATOM   697 O O    . LEU A 1 2 ? -0.563 0.264  3.542  1.00 0.00 ? 2 LEU A O    12 
ATOM   698 C CB   . LEU A 1 2 ? -3.663 -0.034 3.212  1.00 0.00 ? 2 LEU A CB   12 
ATOM   699 C CG   . LEU A 1 2 ? -3.177 0.086  4.658  1.00 0.00 ? 2 LEU A CG   12 
ATOM   700 C CD1  . LEU A 1 2 ? -4.342 0.515  5.553  1.00 0.00 ? 2 LEU A CD1  12 
ATOM   701 C CD2  . LEU A 1 2 ? -2.646 -1.269 5.129  1.00 0.00 ? 2 LEU A CD2  12 
ATOM   702 H H    . LEU A 1 2 ? -3.895 0.053  0.659  1.00 0.00 ? 2 LEU A H    12 
ATOM   703 H HA   . LEU A 1 2 ? -2.501 1.564  2.394  1.00 0.00 ? 2 LEU A HA   12 
ATOM   704 H HB2  . LEU A 1 2 ? -4.567 0.545  3.086  1.00 0.00 ? 2 LEU A HB2  12 
ATOM   705 H HB3  . LEU A 1 2 ? -3.864 -1.069 2.987  1.00 0.00 ? 2 LEU A HB3  12 
ATOM   706 H HG   . LEU A 1 2 ? -2.391 0.824  4.714  1.00 0.00 ? 2 LEU A HG   12 
ATOM   707 H HD11 . LEU A 1 2 ? -4.017 0.531  6.583  1.00 0.00 ? 2 LEU A HD11 12 
ATOM   708 H HD12 . LEU A 1 2 ? -5.157 -0.185 5.445  1.00 0.00 ? 2 LEU A HD12 12 
ATOM   709 H HD13 . LEU A 1 2 ? -4.674 1.501  5.264  1.00 0.00 ? 2 LEU A HD13 12 
ATOM   710 H HD21 . LEU A 1 2 ? -3.396 -2.028 4.960  1.00 0.00 ? 2 LEU A HD21 12 
ATOM   711 H HD22 . LEU A 1 2 ? -2.415 -1.219 6.183  1.00 0.00 ? 2 LEU A HD22 12 
ATOM   712 H HD23 . LEU A 1 2 ? -1.752 -1.517 4.576  1.00 0.00 ? 2 LEU A HD23 12 
ATOM   713 N N    . GLY A 1 3 ? -0.872 -1.167 1.833  1.00 0.00 ? 3 GLY A N    12 
ATOM   714 C CA   . GLY A 1 3 ? 0.388  -1.865 2.062  1.00 0.00 ? 3 GLY A CA   12 
ATOM   715 C C    . GLY A 1 3 ? 1.432  -1.467 1.022  1.00 0.00 ? 3 GLY A C    12 
ATOM   716 O O    . GLY A 1 3 ? 2.631  -1.467 1.302  1.00 0.00 ? 3 GLY A O    12 
ATOM   717 H H    . GLY A 1 3 ? -1.454 -1.455 1.100  1.00 0.00 ? 3 GLY A H    12 
ATOM   718 H HA2  . GLY A 1 3 ? 0.755  -1.618 3.048  1.00 0.00 ? 3 GLY A HA2  12 
ATOM   719 H HA3  . GLY A 1 3 ? 0.221  -2.929 2.001  1.00 0.00 ? 3 GLY A HA3  12 
ATOM   720 N N    . CYS A 1 4 ? 0.970  -1.132 -0.179 1.00 0.00 ? 4 CYS A N    12 
ATOM   721 C CA   . CYS A 1 4 ? 1.876  -0.738 -1.252 1.00 0.00 ? 4 CYS A CA   12 
ATOM   722 C C    . CYS A 1 4 ? 2.288  0.724  -1.104 1.00 0.00 ? 4 CYS A C    12 
ATOM   723 O O    . CYS A 1 4 ? 3.477  1.040  -1.041 1.00 0.00 ? 4 CYS A O    12 
ATOM   724 C CB   . CYS A 1 4 ? 1.200  -0.948 -2.610 1.00 0.00 ? 4 CYS A CB   12 
ATOM   725 S SG   . CYS A 1 4 ? -0.449 -1.650 -2.361 1.00 0.00 ? 4 CYS A SG   12 
ATOM   726 H H    . CYS A 1 4 ? 0.004  -1.152 -0.346 1.00 0.00 ? 4 CYS A H    12 
ATOM   727 H HA   . CYS A 1 4 ? 2.760  -1.355 -1.205 1.00 0.00 ? 4 CYS A HA   12 
ATOM   728 H HB2  . CYS A 1 4 ? 1.118  -0.001 -3.123 1.00 0.00 ? 4 CYS A HB2  12 
ATOM   729 H HB3  . CYS A 1 4 ? 1.795  -1.627 -3.204 1.00 0.00 ? 4 CYS A HB3  12 
ATOM   730 N N    . THR A 1 5 ? 1.302  1.612  -1.047 1.00 0.00 ? 5 THR A N    12 
ATOM   731 C CA   . THR A 1 5 ? 1.577  3.037  -0.908 1.00 0.00 ? 5 THR A CA   12 
ATOM   732 C C    . THR A 1 5 ? 1.196  3.524  0.486  1.00 0.00 ? 5 THR A C    12 
ATOM   733 O O    . THR A 1 5 ? 1.891  4.384  1.002  1.00 0.00 ? 5 THR A O    12 
ATOM   734 C CB   . THR A 1 5 ? 0.796  3.827  -1.960 1.00 0.00 ? 5 THR A CB   12 
ATOM   735 O OG1  . THR A 1 5 ? 0.952  5.219  -1.717 1.00 0.00 ? 5 THR A OG1  12 
ATOM   736 C CG2  . THR A 1 5 ? -0.688 3.458  -1.884 1.00 0.00 ? 5 THR A CG2  12 
ATOM   737 O OXT  . THR A 1 5 ? 0.214  3.030  1.016  1.00 0.00 ? 5 THR A OXT  12 
ATOM   738 H H    . THR A 1 5 ? 0.373  1.304  -1.103 1.00 0.00 ? 5 THR A H    12 
ATOM   739 H HA   . THR A 1 5 ? 2.634  3.206  -1.060 1.00 0.00 ? 5 THR A HA   12 
ATOM   740 H HB   . THR A 1 5 ? 1.171  3.589  -2.943 1.00 0.00 ? 5 THR A HB   12 
ATOM   741 H HG1  . THR A 1 5 ? 1.892  5.402  -1.645 1.00 0.00 ? 5 THR A HG1  12 
ATOM   742 H HG21 . THR A 1 5 ? -0.850 2.786  -1.054 1.00 0.00 ? 5 THR A HG21 12 
ATOM   743 H HG22 . THR A 1 5 ? -0.985 2.974  -2.801 1.00 0.00 ? 5 THR A HG22 12 
ATOM   744 H HG23 . THR A 1 5 ? -1.275 4.354  -1.742 1.00 0.00 ? 5 THR A HG23 12 
HETATM 745 N N    . DAL A 1 1 ? -3.853 -0.223 -1.886 1.00 0.00 1 1 DAL A N    13 
HETATM 746 C CA   . DAL A 1 1 ? -2.648 0.623  -1.651 1.00 0.00 ? 1 DAL A CA   13 
HETATM 747 C CB   . DAL A 1 1 ? -1.454 0.021  -2.395 1.00 0.00 ? 1 DAL A CB   13 
HETATM 748 C C    . DAL A 1 1 ? -2.354 0.682  -0.157 1.00 0.00 ? 1 DAL A C    13 
HETATM 749 O O    . DAL A 1 1 ? -1.593 1.534  0.302  1.00 0.00 ? 1 DAL A O    13 
HETATM 750 H H2   . DAL A 1 1 ? -3.772 -1.101 -1.334 1.00 0.00 ? 1 DAL A H2   13 
HETATM 751 H H    . DAL A 1 1 ? -4.704 0.295  -1.589 1.00 0.00 ? 1 DAL A H    13 
HETATM 752 H H3   . DAL A 1 1 ? -3.925 -0.452 -2.897 1.00 0.00 ? 1 DAL A H3   13 
HETATM 753 H HA   . DAL A 1 1 ? -2.834 1.620  -2.021 1.00 0.00 ? 1 DAL A HA   13 
HETATM 754 H HB1  . DAL A 1 1 ? -0.601 0.676  -2.296 1.00 0.00 ? 1 DAL A HB1  13 
HETATM 755 H HB2  . DAL A 1 1 ? -1.701 -0.096 -3.439 1.00 0.00 ? 1 DAL A HB2  13 
ATOM   756 N N    . LEU A 1 2 ? -2.959 -0.229 0.599  1.00 0.00 ? 2 LEU A N    13 
ATOM   757 C CA   . LEU A 1 2 ? -2.748 -0.268 2.041  1.00 0.00 ? 2 LEU A CA   13 
ATOM   758 C C    . LEU A 1 2 ? -1.261 -0.148 2.360  1.00 0.00 ? 2 LEU A C    13 
ATOM   759 O O    . LEU A 1 2 ? -0.783 0.920  2.740  1.00 0.00 ? 2 LEU A O    13 
ATOM   760 C CB   . LEU A 1 2 ? -3.293 -1.581 2.613  1.00 0.00 ? 2 LEU A CB   13 
ATOM   761 C CG   . LEU A 1 2 ? -4.337 -1.281 3.691  1.00 0.00 ? 2 LEU A CG   13 
ATOM   762 C CD1  . LEU A 1 2 ? -3.743 -0.322 4.727  1.00 0.00 ? 2 LEU A CD1  13 
ATOM   763 C CD2  . LEU A 1 2 ? -5.567 -0.637 3.042  1.00 0.00 ? 2 LEU A CD2  13 
ATOM   764 H H    . LEU A 1 2 ? -3.553 -0.885 0.179  1.00 0.00 ? 2 LEU A H    13 
ATOM   765 H HA   . LEU A 1 2 ? -3.272 0.559  2.494  1.00 0.00 ? 2 LEU A HA   13 
ATOM   766 H HB2  . LEU A 1 2 ? -3.749 -2.156 1.819  1.00 0.00 ? 2 LEU A HB2  13 
ATOM   767 H HB3  . LEU A 1 2 ? -2.484 -2.148 3.047  1.00 0.00 ? 2 LEU A HB3  13 
ATOM   768 H HG   . LEU A 1 2 ? -4.626 -2.201 4.177  1.00 0.00 ? 2 LEU A HG   13 
ATOM   769 H HD11 . LEU A 1 2 ? -2.685 -0.209 4.547  1.00 0.00 ? 2 LEU A HD11 13 
ATOM   770 H HD12 . LEU A 1 2 ? -3.900 -0.722 5.718  1.00 0.00 ? 2 LEU A HD12 13 
ATOM   771 H HD13 . LEU A 1 2 ? -4.227 0.640  4.646  1.00 0.00 ? 2 LEU A HD13 13 
ATOM   772 H HD21 . LEU A 1 2 ? -5.787 0.298  3.538  1.00 0.00 ? 2 LEU A HD21 13 
ATOM   773 H HD22 . LEU A 1 2 ? -6.412 -1.302 3.137  1.00 0.00 ? 2 LEU A HD22 13 
ATOM   774 H HD23 . LEU A 1 2 ? -5.369 -0.452 1.997  1.00 0.00 ? 2 LEU A HD23 13 
ATOM   775 N N    . GLY A 1 3 ? -0.537 -1.251 2.196  1.00 0.00 ? 3 GLY A N    13 
ATOM   776 C CA   . GLY A 1 3 ? 0.895  -1.258 2.465  1.00 0.00 ? 3 GLY A CA   13 
ATOM   777 C C    . GLY A 1 3 ? 1.691  -1.252 1.164  1.00 0.00 ? 3 GLY A C    13 
ATOM   778 O O    . GLY A 1 3 ? 2.920  -1.180 1.176  1.00 0.00 ? 3 GLY A O    13 
ATOM   779 H H    . GLY A 1 3 ? -0.973 -2.072 1.888  1.00 0.00 ? 3 GLY A H    13 
ATOM   780 H HA2  . GLY A 1 3 ? 1.152  -0.382 3.044  1.00 0.00 ? 3 GLY A HA2  13 
ATOM   781 H HA3  . GLY A 1 3 ? 1.147  -2.144 3.029  1.00 0.00 ? 3 GLY A HA3  13 
ATOM   782 N N    . CYS A 1 4 ? 0.982  -1.333 0.043  1.00 0.00 ? 4 CYS A N    13 
ATOM   783 C CA   . CYS A 1 4 ? 1.632  -1.340 -1.263 1.00 0.00 ? 4 CYS A CA   13 
ATOM   784 C C    . CYS A 1 4 ? 2.221  0.030  -1.580 1.00 0.00 ? 4 CYS A C    13 
ATOM   785 O O    . CYS A 1 4 ? 1.874  1.028  -0.948 1.00 0.00 ? 4 CYS A O    13 
ATOM   786 C CB   . CYS A 1 4 ? 0.623  -1.725 -2.349 1.00 0.00 ? 4 CYS A CB   13 
ATOM   787 S SG   . CYS A 1 4 ? -1.055 -1.597 -1.686 1.00 0.00 ? 4 CYS A SG   13 
ATOM   788 H H    . CYS A 1 4 ? 0.004  -1.392 0.094  1.00 0.00 ? 4 CYS A H    13 
ATOM   789 H HA   . CYS A 1 4 ? 2.427  -2.069 -1.254 1.00 0.00 ? 4 CYS A HA   13 
ATOM   790 H HB2  . CYS A 1 4 ? 0.730  -1.058 -3.190 1.00 0.00 ? 4 CYS A HB2  13 
ATOM   791 H HB3  . CYS A 1 4 ? 0.808  -2.741 -2.668 1.00 0.00 ? 4 CYS A HB3  13 
ATOM   792 N N    . THR A 1 5 ? 3.115  0.069  -2.563 1.00 0.00 ? 5 THR A N    13 
ATOM   793 C CA   . THR A 1 5 ? 3.749  1.322  -2.960 1.00 0.00 ? 5 THR A CA   13 
ATOM   794 C C    . THR A 1 5 ? 3.488  1.606  -4.436 1.00 0.00 ? 5 THR A C    13 
ATOM   795 O O    . THR A 1 5 ? 4.442  1.893  -5.141 1.00 0.00 ? 5 THR A O    13 
ATOM   796 C CB   . THR A 1 5 ? 5.257  1.248  -2.712 1.00 0.00 ? 5 THR A CB   13 
ATOM   797 O OG1  . THR A 1 5 ? 5.868  2.448  -3.165 1.00 0.00 ? 5 THR A OG1  13 
ATOM   798 C CG2  . THR A 1 5 ? 5.843  0.057  -3.471 1.00 0.00 ? 5 THR A CG2  13 
ATOM   799 O OXT  . THR A 1 5 ? 2.340  1.531  -4.840 1.00 0.00 ? 5 THR A OXT  13 
ATOM   800 H H    . THR A 1 5 ? 3.352  -0.759 -3.030 1.00 0.00 ? 5 THR A H    13 
ATOM   801 H HA   . THR A 1 5 ? 3.337  2.125  -2.370 1.00 0.00 ? 5 THR A HA   13 
ATOM   802 H HB   . THR A 1 5 ? 5.444  1.124  -1.657 1.00 0.00 ? 5 THR A HB   13 
ATOM   803 H HG1  . THR A 1 5 ? 5.626  2.576  -4.085 1.00 0.00 ? 5 THR A HG1  13 
ATOM   804 H HG21 . THR A 1 5 ? 6.499  -0.500 -2.818 1.00 0.00 ? 5 THR A HG21 13 
ATOM   805 H HG22 . THR A 1 5 ? 6.402  0.414  -4.325 1.00 0.00 ? 5 THR A HG22 13 
ATOM   806 H HG23 . THR A 1 5 ? 5.042  -0.584 -3.808 1.00 0.00 ? 5 THR A HG23 13 
HETATM 807 N N    . DAL A 1 1 ? -3.836 -0.457 -1.843 1.00 0.00 1 1 DAL A N    14 
HETATM 808 C CA   . DAL A 1 1 ? -2.688 0.482  -1.710 1.00 0.00 ? 1 DAL A CA   14 
HETATM 809 C CB   . DAL A 1 1 ? -1.470 -0.104 -2.427 1.00 0.00 ? 1 DAL A CB   14 
HETATM 810 C C    . DAL A 1 1 ? -2.372 0.689  -0.232 1.00 0.00 ? 1 DAL A C    14 
HETATM 811 O O    . DAL A 1 1 ? -1.673 1.632  0.137  1.00 0.00 ? 1 DAL A O    14 
HETATM 812 H H2   . DAL A 1 1 ? -3.773 -1.190 -1.105 1.00 0.00 ? 1 DAL A H2   14 
HETATM 813 H H    . DAL A 1 1 ? -4.728 0.066  -1.733 1.00 0.00 ? 1 DAL A H    14 
HETATM 814 H H3   . DAL A 1 1 ? -3.813 -0.904 -2.781 1.00 0.00 ? 1 DAL A H3   14 
HETATM 815 H HA   . DAL A 1 1 ? -2.947 1.430  -2.157 1.00 0.00 ? 1 DAL A HA   14 
HETATM 816 H HB1  . DAL A 1 1 ? -0.636 0.577  -2.332 1.00 0.00 ? 1 DAL A HB1  14 
HETATM 817 H HB2  . DAL A 1 1 ? -1.702 -0.246 -3.472 1.00 0.00 ? 1 DAL A HB2  14 
ATOM   818 N N    . LEU A 1 2 ? -2.892 -0.198 0.609  1.00 0.00 ? 2 LEU A N    14 
ATOM   819 C CA   . LEU A 1 2 ? -2.657 -0.103 2.045  1.00 0.00 ? 2 LEU A CA   14 
ATOM   820 C C    . LEU A 1 2 ? -1.162 -0.125 2.342  1.00 0.00 ? 2 LEU A C    14 
ATOM   821 O O    . LEU A 1 2 ? -0.568 0.904  2.664  1.00 0.00 ? 2 LEU A O    14 
ATOM   822 C CB   . LEU A 1 2 ? -3.340 -1.269 2.764  1.00 0.00 ? 2 LEU A CB   14 
ATOM   823 C CG   . LEU A 1 2 ? -4.831 -0.968 2.927  1.00 0.00 ? 2 LEU A CG   14 
ATOM   824 C CD1  . LEU A 1 2 ? -5.468 -0.783 1.549  1.00 0.00 ? 2 LEU A CD1  14 
ATOM   825 C CD2  . LEU A 1 2 ? -5.510 -2.134 3.648  1.00 0.00 ? 2 LEU A CD2  14 
ATOM   826 H H    . LEU A 1 2 ? -3.441 -0.930 0.257  1.00 0.00 ? 2 LEU A H    14 
ATOM   827 H HA   . LEU A 1 2 ? -3.074 0.824  2.408  1.00 0.00 ? 2 LEU A HA   14 
ATOM   828 H HB2  . LEU A 1 2 ? -3.215 -2.172 2.186  1.00 0.00 ? 2 LEU A HB2  14 
ATOM   829 H HB3  . LEU A 1 2 ? -2.893 -1.400 3.740  1.00 0.00 ? 2 LEU A HB3  14 
ATOM   830 H HG   . LEU A 1 2 ? -4.954 -0.063 3.505  1.00 0.00 ? 2 LEU A HG   14 
ATOM   831 H HD11 . LEU A 1 2 ? -4.961 -1.411 0.831  1.00 0.00 ? 2 LEU A HD11 14 
ATOM   832 H HD12 . LEU A 1 2 ? -5.382 0.250  1.248  1.00 0.00 ? 2 LEU A HD12 14 
ATOM   833 H HD13 . LEU A 1 2 ? -6.510 -1.061 1.595  1.00 0.00 ? 2 LEU A HD13 14 
ATOM   834 H HD21 . LEU A 1 2 ? -6.513 -1.847 3.930  1.00 0.00 ? 2 LEU A HD21 14 
ATOM   835 H HD22 . LEU A 1 2 ? -4.945 -2.389 4.533  1.00 0.00 ? 2 LEU A HD22 14 
ATOM   836 H HD23 . LEU A 1 2 ? -5.552 -2.989 2.990  1.00 0.00 ? 2 LEU A HD23 14 
ATOM   837 N N    . GLY A 1 3 ? -0.559 -1.303 2.230  1.00 0.00 ? 3 GLY A N    14 
ATOM   838 C CA   . GLY A 1 3 ? 0.869  -1.447 2.486  1.00 0.00 ? 3 GLY A CA   14 
ATOM   839 C C    . GLY A 1 3 ? 1.654  -1.461 1.181  1.00 0.00 ? 3 GLY A C    14 
ATOM   840 O O    . GLY A 1 3 ? 2.861  -1.713 1.173  1.00 0.00 ? 3 GLY A O    14 
ATOM   841 H H    . GLY A 1 3 ? -1.082 -2.090 1.968  1.00 0.00 ? 3 GLY A H    14 
ATOM   842 H HA2  . GLY A 1 3 ? 1.205  -0.621 3.096  1.00 0.00 ? 3 GLY A HA2  14 
ATOM   843 H HA3  . GLY A 1 3 ? 1.044  -2.372 3.014  1.00 0.00 ? 3 GLY A HA3  14 
ATOM   844 N N    . CYS A 1 4 ? 0.964  -1.191 0.079  1.00 0.00 ? 4 CYS A N    14 
ATOM   845 C CA   . CYS A 1 4 ? 1.608  -1.176 -1.230 1.00 0.00 ? 4 CYS A CA   14 
ATOM   846 C C    . CYS A 1 4 ? 1.979  0.249  -1.628 1.00 0.00 ? 4 CYS A C    14 
ATOM   847 O O    . CYS A 1 4 ? 1.513  1.215  -1.022 1.00 0.00 ? 4 CYS A O    14 
ATOM   848 C CB   . CYS A 1 4 ? 0.668  -1.772 -2.281 1.00 0.00 ? 4 CYS A CB   14 
ATOM   849 S SG   . CYS A 1 4 ? -1.038 -1.695 -1.681 1.00 0.00 ? 4 CYS A SG   14 
ATOM   850 H H    . CYS A 1 4 ? 0.006  -0.999 0.146  1.00 0.00 ? 4 CYS A H    14 
ATOM   851 H HA   . CYS A 1 4 ? 2.505  -1.772 -1.186 1.00 0.00 ? 4 CYS A HA   14 
ATOM   852 H HB2  . CYS A 1 4 ? 0.752  -1.210 -3.199 1.00 0.00 ? 4 CYS A HB2  14 
ATOM   853 H HB3  . CYS A 1 4 ? 0.939  -2.802 -2.463 1.00 0.00 ? 4 CYS A HB3  14 
ATOM   854 N N    . THR A 1 5 ? 2.820  0.373  -2.649 1.00 0.00 ? 5 THR A N    14 
ATOM   855 C CA   . THR A 1 5 ? 3.249  1.685  -3.121 1.00 0.00 ? 5 THR A CA   14 
ATOM   856 C C    . THR A 1 5 ? 4.209  1.543  -4.297 1.00 0.00 ? 5 THR A C    14 
ATOM   857 O O    . THR A 1 5 ? 4.802  2.540  -4.676 1.00 0.00 ? 5 THR A O    14 
ATOM   858 C CB   . THR A 1 5 ? 3.938  2.450  -1.988 1.00 0.00 ? 5 THR A CB   14 
ATOM   859 O OG1  . THR A 1 5 ? 3.689  1.789  -0.753 1.00 0.00 ? 5 THR A OG1  14 
ATOM   860 C CG2  . THR A 1 5 ? 3.390  3.877  -1.924 1.00 0.00 ? 5 THR A CG2  14 
ATOM   861 O OXT  . THR A 1 5 ? 4.336  0.440  -4.802 1.00 0.00 ? 5 THR A OXT  14 
ATOM   862 H H    . THR A 1 5 ? 3.159  -0.432 -3.093 1.00 0.00 ? 5 THR A H    14 
ATOM   863 H HA   . THR A 1 5 ? 2.382  2.242  -3.441 1.00 0.00 ? 5 THR A HA   14 
ATOM   864 H HB   . THR A 1 5 ? 5.000  2.484  -2.168 1.00 0.00 ? 5 THR A HB   14 
ATOM   865 H HG1  . THR A 1 5 ? 3.801  0.845  -0.894 1.00 0.00 ? 5 THR A HG1  14 
ATOM   866 H HG21 . THR A 1 5 ? 2.311  3.849  -1.924 1.00 0.00 ? 5 THR A HG21 14 
ATOM   867 H HG22 . THR A 1 5 ? 3.736  4.433  -2.783 1.00 0.00 ? 5 THR A HG22 14 
ATOM   868 H HG23 . THR A 1 5 ? 3.739  4.356  -1.021 1.00 0.00 ? 5 THR A HG23 14 
HETATM 869 N N    . DAL A 1 1 ? -3.874 -0.315 -1.863 1.00 0.00 1 1 DAL A N    15 
HETATM 870 C CA   . DAL A 1 1 ? -2.678 0.556  -1.689 1.00 0.00 ? 1 DAL A CA   15 
HETATM 871 C CB   . DAL A 1 1 ? -1.489 -0.060 -2.429 1.00 0.00 ? 1 DAL A CB   15 
HETATM 872 C C    . DAL A 1 1 ? -2.357 0.684  -0.203 1.00 0.00 ? 1 DAL A C    15 
HETATM 873 O O    . DAL A 1 1 ? -1.605 1.569  0.206  1.00 0.00 ? 1 DAL A O    15 
HETATM 874 H H2   . DAL A 1 1 ? -3.656 -1.070 -2.544 1.00 0.00 ? 1 DAL A H2   15 
HETATM 875 H H    . DAL A 1 1 ? -4.133 -0.737 -0.948 1.00 0.00 ? 1 DAL A H    15 
HETATM 876 H H3   . DAL A 1 1 ? -4.669 0.253  -2.216 1.00 0.00 ? 1 DAL A H3   15 
HETATM 877 H HA   . DAL A 1 1 ? -2.886 1.536  -2.095 1.00 0.00 ? 1 DAL A HA   15 
HETATM 878 H HB1  . DAL A 1 1 ? -0.645 0.612  -2.376 1.00 0.00 ? 1 DAL A HB1  15 
HETATM 879 H HB2  . DAL A 1 1 ? -1.755 -0.223 -3.463 1.00 0.00 ? 1 DAL A HB2  15 
ATOM   880 N N    . LEU A 1 2 ? -2.931 -0.207 0.599  1.00 0.00 ? 2 LEU A N    15 
ATOM   881 C CA   . LEU A 1 2 ? -2.699 -0.185 2.039  1.00 0.00 ? 2 LEU A CA   15 
ATOM   882 C C    . LEU A 1 2 ? -1.204 -0.135 2.340  1.00 0.00 ? 2 LEU A C    15 
ATOM   883 O O    . LEU A 1 2 ? -0.663 0.921  2.669  1.00 0.00 ? 2 LEU A O    15 
ATOM   884 C CB   . LEU A 1 2 ? -3.311 -1.431 2.685  1.00 0.00 ? 2 LEU A CB   15 
ATOM   885 C CG   . LEU A 1 2 ? -4.209 -1.018 3.853  1.00 0.00 ? 2 LEU A CG   15 
ATOM   886 C CD1  . LEU A 1 2 ? -5.536 -0.482 3.313  1.00 0.00 ? 2 LEU A CD1  15 
ATOM   887 C CD2  . LEU A 1 2 ? -4.476 -2.234 4.743  1.00 0.00 ? 2 LEU A CD2  15 
ATOM   888 H H    . LEU A 1 2 ? -3.521 -0.890 0.217  1.00 0.00 ? 2 LEU A H    15 
ATOM   889 H HA   . LEU A 1 2 ? -3.170 0.692  2.456  1.00 0.00 ? 2 LEU A HA   15 
ATOM   890 H HB2  . LEU A 1 2 ? -3.898 -1.964 1.951  1.00 0.00 ? 2 LEU A HB2  15 
ATOM   891 H HB3  . LEU A 1 2 ? -2.522 -2.072 3.050  1.00 0.00 ? 2 LEU A HB3  15 
ATOM   892 H HG   . LEU A 1 2 ? -3.718 -0.248 4.430  1.00 0.00 ? 2 LEU A HG   15 
ATOM   893 H HD11 . LEU A 1 2 ? -5.343 0.212  2.509  1.00 0.00 ? 2 LEU A HD11 15 
ATOM   894 H HD12 . LEU A 1 2 ? -6.069 0.025  4.105  1.00 0.00 ? 2 LEU A HD12 15 
ATOM   895 H HD13 . LEU A 1 2 ? -6.134 -1.302 2.945  1.00 0.00 ? 2 LEU A HD13 15 
ATOM   896 H HD21 . LEU A 1 2 ? -3.544 -2.593 5.152  1.00 0.00 ? 2 LEU A HD21 15 
ATOM   897 H HD22 . LEU A 1 2 ? -4.937 -3.015 4.156  1.00 0.00 ? 2 LEU A HD22 15 
ATOM   898 H HD23 . LEU A 1 2 ? -5.138 -1.951 5.549  1.00 0.00 ? 2 LEU A HD23 15 
ATOM   899 N N    . GLY A 1 3 ? -0.544 -1.282 2.224  1.00 0.00 ? 3 GLY A N    15 
ATOM   900 C CA   . GLY A 1 3 ? 0.890  -1.358 2.484  1.00 0.00 ? 3 GLY A CA   15 
ATOM   901 C C    . GLY A 1 3 ? 1.681  -1.379 1.181  1.00 0.00 ? 3 GLY A C    15 
ATOM   902 O O    . GLY A 1 3 ? 2.904  -1.508 1.189  1.00 0.00 ? 3 GLY A O    15 
ATOM   903 H H    . GLY A 1 3 ? -1.028 -2.092 1.958  1.00 0.00 ? 3 GLY A H    15 
ATOM   904 H HA2  . GLY A 1 3 ? 1.188  -0.499 3.069  1.00 0.00 ? 3 GLY A HA2  15 
ATOM   905 H HA3  . GLY A 1 3 ? 1.102  -2.258 3.041  1.00 0.00 ? 3 GLY A HA3  15 
ATOM   906 N N    . CYS A 1 4 ? 0.973  -1.250 0.064  1.00 0.00 ? 4 CYS A N    15 
ATOM   907 C CA   . CYS A 1 4 ? 1.619  -1.257 -1.244 1.00 0.00 ? 4 CYS A CA   15 
ATOM   908 C C    . CYS A 1 4 ? 2.114  0.142  -1.603 1.00 0.00 ? 4 CYS A C    15 
ATOM   909 O O    . CYS A 1 4 ? 2.036  0.563  -2.758 1.00 0.00 ? 4 CYS A O    15 
ATOM   910 C CB   . CYS A 1 4 ? 0.633  -1.748 -2.308 1.00 0.00 ? 4 CYS A CB   15 
ATOM   911 S SG   . CYS A 1 4 ? -1.054 -1.639 -1.661 1.00 0.00 ? 4 CYS A SG   15 
ATOM   912 H H    . CYS A 1 4 ? -0.001 -1.151 0.119  1.00 0.00 ? 4 CYS A H    15 
ATOM   913 H HA   . CYS A 1 4 ? 2.462  -1.930 -1.214 1.00 0.00 ? 4 CYS A HA   15 
ATOM   914 H HB2  . CYS A 1 4 ? 0.720  -1.136 -3.192 1.00 0.00 ? 4 CYS A HB2  15 
ATOM   915 H HB3  . CYS A 1 4 ? 0.857  -2.775 -2.557 1.00 0.00 ? 4 CYS A HB3  15 
ATOM   916 N N    . THR A 1 5 ? 2.625  0.856  -0.606 1.00 0.00 ? 5 THR A N    15 
ATOM   917 C CA   . THR A 1 5 ? 3.131  2.206  -0.828 1.00 0.00 ? 5 THR A CA   15 
ATOM   918 C C    . THR A 1 5 ? 4.314  2.493  0.091  1.00 0.00 ? 5 THR A C    15 
ATOM   919 O O    . THR A 1 5 ? 4.161  2.329  1.290  1.00 0.00 ? 5 THR A O    15 
ATOM   920 C CB   . THR A 1 5 ? 2.022  3.229  -0.570 1.00 0.00 ? 5 THR A CB   15 
ATOM   921 O OG1  . THR A 1 5 ? 0.910  2.938  -1.403 1.00 0.00 ? 5 THR A OG1  15 
ATOM   922 C CG2  . THR A 1 5 ? 2.540  4.635  -0.879 1.00 0.00 ? 5 THR A CG2  15 
ATOM   923 O OXT  . THR A 1 5 ? 5.356  2.871  -0.419 1.00 0.00 ? 5 THR A OXT  15 
ATOM   924 H H    . THR A 1 5 ? 2.663  0.470  0.294  1.00 0.00 ? 5 THR A H    15 
ATOM   925 H HA   . THR A 1 5 ? 3.454  2.295  -1.854 1.00 0.00 ? 5 THR A HA   15 
ATOM   926 H HB   . THR A 1 5 ? 1.721  3.180  0.465  1.00 0.00 ? 5 THR A HB   15 
ATOM   927 H HG1  . THR A 1 5 ? 0.535  2.102  -1.117 1.00 0.00 ? 5 THR A HG1  15 
ATOM   928 H HG21 . THR A 1 5 ? 1.881  5.366  -0.436 1.00 0.00 ? 5 THR A HG21 15 
ATOM   929 H HG22 . THR A 1 5 ? 2.572  4.779  -1.948 1.00 0.00 ? 5 THR A HG22 15 
ATOM   930 H HG23 . THR A 1 5 ? 3.534  4.751  -0.470 1.00 0.00 ? 5 THR A HG23 15 
# 
